data_2HSD
#
_entry.id   2HSD
#
_cell.length_a   106.200
_cell.length_b   106.200
_cell.length_c   203.800
_cell.angle_alpha   90.00
_cell.angle_beta   90.00
_cell.angle_gamma   90.00
#
_symmetry.space_group_name_H-M   'P 43 21 2'
#
loop_
_entity.id
_entity.type
_entity.pdbx_description
1 polymer '3-ALPHA, 20 BETA-HYDROXYSTEROID DEHYDROGENASE'
2 non-polymer NICOTINAMIDE-ADENINE-DINUCLEOTIDE
#
_entity_poly.entity_id   1
_entity_poly.type   'polypeptide(L)'
_entity_poly.pdbx_seq_one_letter_code
;NDLSGKTVIITGGARGLGAEAARQAVAAGARVVLADVLDEEGAATARELGDAARYQHLDVTIEEDWQRVVAYAREEFGSV
DGLVNNAGISTGMFLETESVERFRKVVEINLTGVFIGMKTVIPAMKDAGGGSIVNISSAAGLMGLALTSSYGASKWGVRG
LSKLAAVELGTDRIRVNSVHPGMTYTPMTAETGIRQGEGNYPNTPMGRVGEPGEIAGAVVKLLSDTSSYVTGAELAVDGG
WTTGPTVKYVMGQ
;
_entity_poly.pdbx_strand_id   A,B,C,D
#
loop_
_chem_comp.id
_chem_comp.type
_chem_comp.name
_chem_comp.formula
NAD non-polymer NICOTINAMIDE-ADENINE-DINUCLEOTIDE 'C21 H27 N7 O14 P2'
#
# COMPACT_ATOMS: atom_id res chain seq x y z
N ASN A 1 -19.45 10.60 -18.31
CA ASN A 1 -20.58 9.65 -18.52
C ASN A 1 -20.04 8.48 -19.33
N ASP A 2 -20.06 7.30 -18.72
CA ASP A 2 -19.51 6.09 -19.33
C ASP A 2 -20.35 5.38 -20.39
N LEU A 3 -19.78 5.21 -21.59
CA LEU A 3 -20.42 4.55 -22.74
C LEU A 3 -19.51 3.59 -23.49
N SER A 4 -20.10 2.53 -24.02
CA SER A 4 -19.36 1.50 -24.75
C SER A 4 -20.00 1.20 -26.11
N GLY A 5 -19.18 0.87 -27.10
CA GLY A 5 -19.69 0.52 -28.43
C GLY A 5 -18.77 -0.61 -28.93
N LYS A 6 -18.35 -1.46 -28.00
CA LYS A 6 -17.43 -2.54 -28.30
C LYS A 6 -17.83 -3.87 -27.70
N THR A 7 -17.06 -4.91 -28.02
CA THR A 7 -17.31 -6.26 -27.55
C THR A 7 -16.49 -6.49 -26.29
N VAL A 8 -17.10 -7.12 -25.30
CA VAL A 8 -16.44 -7.41 -24.05
C VAL A 8 -16.90 -8.74 -23.44
N ILE A 9 -15.93 -9.54 -23.01
CA ILE A 9 -16.24 -10.82 -22.40
C ILE A 9 -16.16 -10.71 -20.87
N ILE A 10 -17.18 -11.28 -20.24
CA ILE A 10 -17.39 -11.28 -18.80
C ILE A 10 -17.44 -12.74 -18.34
N THR A 11 -16.50 -13.14 -17.48
CA THR A 11 -16.45 -14.50 -16.94
C THR A 11 -17.22 -14.55 -15.63
N GLY A 12 -17.82 -15.69 -15.34
CA GLY A 12 -18.65 -15.77 -14.15
C GLY A 12 -19.89 -14.93 -14.47
N GLY A 13 -20.19 -14.83 -15.76
CA GLY A 13 -21.32 -14.04 -16.23
C GLY A 13 -22.74 -14.51 -15.94
N ALA A 14 -22.94 -15.79 -15.58
CA ALA A 14 -24.27 -16.31 -15.29
C ALA A 14 -24.96 -15.58 -14.15
N ARG A 15 -24.20 -15.04 -13.21
CA ARG A 15 -24.83 -14.37 -12.11
C ARG A 15 -23.96 -13.40 -11.30
N GLY A 16 -24.57 -12.86 -10.24
CA GLY A 16 -23.93 -11.94 -9.35
C GLY A 16 -23.42 -10.69 -10.04
N LEU A 17 -22.27 -10.27 -9.55
CA LEU A 17 -21.55 -9.11 -10.03
C LEU A 17 -21.34 -9.22 -11.51
N GLY A 18 -21.07 -10.46 -11.94
CA GLY A 18 -20.85 -10.74 -13.34
C GLY A 18 -22.03 -10.32 -14.19
N ALA A 19 -23.19 -10.95 -13.97
CA ALA A 19 -24.40 -10.63 -14.73
C ALA A 19 -24.84 -9.18 -14.57
N GLU A 20 -24.65 -8.63 -13.37
CA GLU A 20 -25.05 -7.25 -13.16
C GLU A 20 -24.26 -6.39 -14.12
N ALA A 21 -22.96 -6.65 -14.23
CA ALA A 21 -22.10 -5.92 -15.15
C ALA A 21 -22.61 -6.07 -16.58
N ALA A 22 -22.87 -7.30 -17.00
CA ALA A 22 -23.39 -7.58 -18.33
C ALA A 22 -24.61 -6.73 -18.69
N ARG A 23 -25.48 -6.51 -17.70
CA ARG A 23 -26.71 -5.73 -17.87
C ARG A 23 -26.37 -4.28 -18.13
N GLN A 24 -25.53 -3.75 -17.24
CA GLN A 24 -25.10 -2.38 -17.32
C GLN A 24 -24.17 -2.13 -18.51
N ALA A 25 -23.35 -3.12 -18.84
CA ALA A 25 -22.43 -2.99 -19.96
C ALA A 25 -23.20 -2.98 -21.29
N VAL A 26 -24.37 -3.59 -21.29
CA VAL A 26 -25.19 -3.58 -22.48
C VAL A 26 -25.99 -2.25 -22.43
N ALA A 27 -26.30 -1.78 -21.23
CA ALA A 27 -27.04 -0.54 -21.11
C ALA A 27 -26.19 0.59 -21.63
N ALA A 28 -24.88 0.43 -21.51
CA ALA A 28 -23.94 1.43 -21.98
C ALA A 28 -23.67 1.19 -23.46
N GLY A 29 -24.33 0.18 -24.02
CA GLY A 29 -24.22 -0.13 -25.43
C GLY A 29 -23.10 -1.01 -25.93
N ALA A 30 -22.54 -1.85 -25.07
CA ALA A 30 -21.46 -2.73 -25.48
C ALA A 30 -22.11 -4.01 -25.98
N ARG A 31 -21.31 -4.91 -26.54
CA ARG A 31 -21.78 -6.21 -27.04
C ARG A 31 -21.00 -7.07 -26.10
N VAL A 32 -21.74 -7.80 -25.28
CA VAL A 32 -21.16 -8.63 -24.25
C VAL A 32 -21.24 -10.12 -24.56
N VAL A 33 -20.19 -10.85 -24.16
CA VAL A 33 -20.15 -12.30 -24.31
C VAL A 33 -19.95 -12.88 -22.91
N LEU A 34 -21.04 -13.40 -22.37
CA LEU A 34 -21.04 -13.99 -21.05
C LEU A 34 -20.42 -15.37 -21.18
N ALA A 35 -19.69 -15.78 -20.15
CA ALA A 35 -19.07 -17.08 -20.16
C ALA A 35 -19.15 -17.62 -18.76
N ASP A 36 -19.57 -18.87 -18.67
CA ASP A 36 -19.69 -19.51 -17.39
C ASP A 36 -19.71 -21.02 -17.58
N VAL A 37 -19.69 -21.69 -16.45
CA VAL A 37 -19.74 -23.13 -16.34
C VAL A 37 -21.26 -23.50 -16.12
N LEU A 38 -22.03 -22.55 -15.58
CA LEU A 38 -23.47 -22.69 -15.36
C LEU A 38 -24.11 -22.25 -16.65
N ASP A 39 -24.20 -23.16 -17.62
CA ASP A 39 -24.78 -22.85 -18.94
C ASP A 39 -26.28 -22.59 -19.03
N GLU A 40 -27.07 -23.29 -18.22
CA GLU A 40 -28.52 -23.12 -18.20
C GLU A 40 -28.85 -21.67 -17.85
N GLU A 41 -28.37 -21.25 -16.68
CA GLU A 41 -28.59 -19.89 -16.21
C GLU A 41 -28.01 -18.90 -17.23
N GLY A 42 -26.75 -19.12 -17.60
CA GLY A 42 -26.07 -18.25 -18.54
C GLY A 42 -26.80 -17.92 -19.83
N ALA A 43 -27.33 -18.93 -20.52
CA ALA A 43 -28.08 -18.70 -21.75
C ALA A 43 -29.33 -17.89 -21.44
N ALA A 44 -29.98 -18.22 -20.32
CA ALA A 44 -31.18 -17.53 -19.87
C ALA A 44 -30.91 -16.05 -19.69
N THR A 45 -29.79 -15.74 -19.06
CA THR A 45 -29.35 -14.37 -18.80
C THR A 45 -29.18 -13.63 -20.11
N ALA A 46 -28.43 -14.22 -21.03
CA ALA A 46 -28.18 -13.62 -22.35
C ALA A 46 -29.48 -13.43 -23.12
N ARG A 47 -30.48 -14.26 -22.84
CA ARG A 47 -31.78 -14.13 -23.49
C ARG A 47 -32.43 -12.86 -22.98
N GLU A 48 -32.53 -12.75 -21.66
CA GLU A 48 -33.12 -11.59 -21.03
C GLU A 48 -32.39 -10.32 -21.46
N LEU A 49 -31.09 -10.45 -21.72
CA LEU A 49 -30.27 -9.32 -22.15
C LEU A 49 -30.49 -8.91 -23.61
N GLY A 50 -31.13 -9.79 -24.36
CA GLY A 50 -31.43 -9.48 -25.73
C GLY A 50 -30.43 -9.91 -26.77
N ASP A 51 -30.30 -9.07 -27.78
CA ASP A 51 -29.43 -9.34 -28.91
C ASP A 51 -27.98 -8.93 -28.72
N ALA A 52 -27.71 -7.98 -27.83
CA ALA A 52 -26.34 -7.56 -27.63
C ALA A 52 -25.60 -8.57 -26.77
N ALA A 53 -26.23 -9.72 -26.50
CA ALA A 53 -25.60 -10.71 -25.65
C ALA A 53 -25.43 -12.10 -26.26
N ARG A 54 -24.35 -12.78 -25.85
CA ARG A 54 -24.08 -14.13 -26.32
C ARG A 54 -23.48 -14.90 -25.16
N TYR A 55 -24.03 -16.08 -24.88
CA TYR A 55 -23.51 -16.90 -23.81
C TYR A 55 -22.60 -17.96 -24.41
N GLN A 56 -21.43 -18.12 -23.80
CA GLN A 56 -20.44 -19.08 -24.23
C GLN A 56 -20.01 -19.83 -22.97
N HIS A 57 -19.74 -21.12 -23.11
CA HIS A 57 -19.31 -21.93 -21.99
C HIS A 57 -17.81 -21.72 -21.78
N LEU A 58 -17.40 -21.62 -20.54
CA LEU A 58 -16.01 -21.42 -20.26
C LEU A 58 -15.64 -21.92 -18.88
N ASP A 59 -14.85 -22.98 -18.86
CA ASP A 59 -14.34 -23.50 -17.63
C ASP A 59 -13.04 -22.71 -17.61
N VAL A 60 -13.05 -21.60 -16.89
CA VAL A 60 -11.91 -20.70 -16.81
C VAL A 60 -10.55 -21.39 -16.61
N THR A 61 -10.56 -22.67 -16.22
CA THR A 61 -9.31 -23.39 -16.02
C THR A 61 -8.77 -24.11 -17.26
N ILE A 62 -9.57 -24.21 -18.31
CA ILE A 62 -9.20 -24.92 -19.52
C ILE A 62 -8.88 -23.97 -20.67
N GLU A 63 -7.58 -23.70 -20.83
CA GLU A 63 -7.07 -22.79 -21.86
C GLU A 63 -7.72 -22.94 -23.22
N GLU A 64 -8.37 -24.07 -23.47
CA GLU A 64 -9.04 -24.29 -24.74
C GLU A 64 -10.31 -23.45 -24.85
N ASP A 65 -11.13 -23.47 -23.79
CA ASP A 65 -12.40 -22.73 -23.78
C ASP A 65 -12.13 -21.25 -23.98
N TRP A 66 -11.02 -20.79 -23.40
CA TRP A 66 -10.65 -19.39 -23.51
C TRP A 66 -10.51 -19.08 -24.97
N GLN A 67 -9.76 -19.93 -25.67
CA GLN A 67 -9.49 -19.80 -27.11
C GLN A 67 -10.77 -19.86 -27.95
N ARG A 68 -11.61 -20.83 -27.62
CA ARG A 68 -12.89 -21.05 -28.30
C ARG A 68 -13.74 -19.80 -28.12
N VAL A 69 -13.86 -19.39 -26.87
CA VAL A 69 -14.65 -18.21 -26.54
C VAL A 69 -14.07 -16.91 -27.11
N VAL A 70 -12.76 -16.78 -27.10
CA VAL A 70 -12.11 -15.57 -27.60
C VAL A 70 -12.13 -15.54 -29.11
N ALA A 71 -12.20 -16.72 -29.71
CA ALA A 71 -12.26 -16.82 -31.15
C ALA A 71 -13.68 -16.41 -31.53
N TYR A 72 -14.66 -16.89 -30.75
CA TYR A 72 -16.06 -16.58 -30.99
C TYR A 72 -16.41 -15.09 -30.87
N ALA A 73 -15.99 -14.45 -29.79
CA ALA A 73 -16.25 -13.03 -29.58
C ALA A 73 -15.72 -12.20 -30.75
N ARG A 74 -14.54 -12.56 -31.23
CA ARG A 74 -13.93 -11.86 -32.34
C ARG A 74 -14.68 -12.14 -33.63
N GLU A 75 -14.98 -13.40 -33.90
CA GLU A 75 -15.69 -13.73 -35.12
C GLU A 75 -17.15 -13.24 -35.11
N GLU A 76 -17.81 -13.35 -33.97
CA GLU A 76 -19.20 -12.95 -33.83
C GLU A 76 -19.36 -11.40 -33.80
N PHE A 77 -18.37 -10.71 -33.24
CA PHE A 77 -18.45 -9.26 -33.13
C PHE A 77 -17.27 -8.47 -33.73
N GLY A 78 -16.38 -9.16 -34.43
CA GLY A 78 -15.26 -8.51 -35.07
C GLY A 78 -14.15 -8.05 -34.15
N SER A 79 -14.44 -7.88 -32.87
CA SER A 79 -13.39 -7.43 -31.96
C SER A 79 -13.64 -7.85 -30.52
N VAL A 80 -12.54 -7.88 -29.75
CA VAL A 80 -12.56 -8.18 -28.32
C VAL A 80 -11.86 -6.94 -27.78
N ASP A 81 -12.65 -6.07 -27.15
CA ASP A 81 -12.13 -4.82 -26.61
C ASP A 81 -12.04 -4.83 -25.09
N GLY A 82 -12.92 -5.59 -24.44
CA GLY A 82 -12.91 -5.69 -23.00
C GLY A 82 -12.97 -7.12 -22.50
N LEU A 83 -12.51 -7.33 -21.27
CA LEU A 83 -12.53 -8.63 -20.58
C LEU A 83 -12.72 -8.32 -19.11
N VAL A 84 -13.72 -8.93 -18.50
CA VAL A 84 -13.98 -8.72 -17.08
C VAL A 84 -13.80 -10.06 -16.39
N ASN A 85 -12.64 -10.24 -15.75
CA ASN A 85 -12.33 -11.48 -15.03
C ASN A 85 -13.14 -11.52 -13.72
N ASN A 86 -14.32 -12.12 -13.79
CA ASN A 86 -15.19 -12.20 -12.63
C ASN A 86 -15.35 -13.61 -12.04
N ALA A 87 -15.31 -14.66 -12.86
CA ALA A 87 -15.45 -16.03 -12.33
C ALA A 87 -14.52 -16.25 -11.15
N GLY A 88 -15.00 -16.96 -10.12
CA GLY A 88 -14.17 -17.22 -8.97
C GLY A 88 -14.91 -17.94 -7.85
N ILE A 89 -14.17 -18.61 -6.98
CA ILE A 89 -14.76 -19.31 -5.85
C ILE A 89 -14.30 -18.67 -4.54
N SER A 90 -15.04 -18.93 -3.47
CA SER A 90 -14.74 -18.34 -2.18
C SER A 90 -14.23 -19.31 -1.11
N THR A 91 -13.68 -18.75 -0.04
CA THR A 91 -13.10 -19.50 1.07
C THR A 91 -13.50 -18.88 2.37
N GLY A 92 -13.97 -19.69 3.31
CA GLY A 92 -14.35 -19.16 4.60
C GLY A 92 -13.99 -20.09 5.75
N MET A 93 -12.72 -20.19 6.07
CA MET A 93 -12.29 -21.07 7.15
C MET A 93 -10.87 -20.71 7.58
N PHE A 94 -10.50 -21.10 8.79
CA PHE A 94 -9.17 -20.85 9.28
C PHE A 94 -8.19 -21.60 8.40
N LEU A 95 -7.14 -20.88 7.98
CA LEU A 95 -6.10 -21.38 7.10
C LEU A 95 -5.71 -22.85 7.28
N GLU A 96 -5.30 -23.21 8.48
CA GLU A 96 -4.87 -24.57 8.79
C GLU A 96 -6.01 -25.60 8.83
N THR A 97 -7.17 -25.19 8.35
CA THR A 97 -8.35 -26.03 8.32
C THR A 97 -8.77 -26.22 6.87
N GLU A 98 -7.90 -25.77 5.95
CA GLU A 98 -8.15 -25.89 4.54
C GLU A 98 -7.24 -26.95 3.97
N SER A 99 -7.83 -27.90 3.24
CA SER A 99 -7.06 -28.98 2.65
C SER A 99 -6.27 -28.41 1.50
N VAL A 100 -5.08 -28.97 1.24
CA VAL A 100 -4.24 -28.48 0.14
C VAL A 100 -4.88 -28.69 -1.20
N GLU A 101 -5.73 -29.71 -1.33
CA GLU A 101 -6.41 -29.97 -2.58
C GLU A 101 -7.40 -28.81 -2.87
N ARG A 102 -8.08 -28.35 -1.83
CA ARG A 102 -9.03 -27.25 -1.98
C ARG A 102 -8.24 -25.99 -2.20
N PHE A 103 -7.14 -25.84 -1.47
CA PHE A 103 -6.31 -24.66 -1.62
C PHE A 103 -5.95 -24.51 -3.08
N ARG A 104 -5.51 -25.62 -3.66
CA ARG A 104 -5.12 -25.70 -5.08
C ARG A 104 -6.25 -25.45 -6.06
N LYS A 105 -7.43 -26.02 -5.81
CA LYS A 105 -8.52 -25.82 -6.74
C LYS A 105 -8.99 -24.36 -6.76
N VAL A 106 -8.98 -23.71 -5.60
CA VAL A 106 -9.38 -22.32 -5.49
C VAL A 106 -8.37 -21.44 -6.23
N VAL A 107 -7.07 -21.69 -6.02
CA VAL A 107 -6.03 -20.90 -6.70
C VAL A 107 -6.15 -21.06 -8.22
N GLU A 108 -6.35 -22.28 -8.67
CA GLU A 108 -6.50 -22.61 -10.09
C GLU A 108 -7.54 -21.71 -10.79
N ILE A 109 -8.68 -21.56 -10.16
CA ILE A 109 -9.79 -20.76 -10.67
C ILE A 109 -9.60 -19.25 -10.46
N ASN A 110 -9.20 -18.87 -9.25
CA ASN A 110 -9.05 -17.46 -8.94
C ASN A 110 -7.81 -16.81 -9.48
N LEU A 111 -6.72 -17.56 -9.54
CA LEU A 111 -5.46 -17.03 -10.03
C LEU A 111 -5.11 -17.40 -11.47
N THR A 112 -4.77 -18.67 -11.68
CA THR A 112 -4.42 -19.14 -13.02
C THR A 112 -5.48 -18.78 -14.05
N GLY A 113 -6.75 -18.96 -13.70
CA GLY A 113 -7.84 -18.63 -14.61
C GLY A 113 -7.84 -17.20 -15.15
N VAL A 114 -7.38 -16.25 -14.36
CA VAL A 114 -7.34 -14.88 -14.84
C VAL A 114 -6.12 -14.74 -15.72
N PHE A 115 -5.09 -15.52 -15.42
CA PHE A 115 -3.86 -15.49 -16.20
C PHE A 115 -4.14 -16.00 -17.61
N ILE A 116 -4.75 -17.19 -17.70
CA ILE A 116 -5.09 -17.77 -18.99
C ILE A 116 -5.94 -16.77 -19.81
N GLY A 117 -6.78 -16.02 -19.11
CA GLY A 117 -7.62 -15.04 -19.77
C GLY A 117 -6.85 -13.86 -20.30
N MET A 118 -5.88 -13.41 -19.53
CA MET A 118 -5.07 -12.29 -19.95
C MET A 118 -4.25 -12.72 -21.17
N LYS A 119 -3.48 -13.77 -21.05
CA LYS A 119 -2.66 -14.21 -22.17
C LYS A 119 -3.48 -14.46 -23.44
N THR A 120 -4.53 -15.27 -23.33
CA THR A 120 -5.39 -15.53 -24.49
C THR A 120 -5.93 -14.21 -25.13
N VAL A 121 -6.51 -13.33 -24.31
CA VAL A 121 -7.08 -12.09 -24.85
C VAL A 121 -6.11 -11.06 -25.41
N ILE A 122 -4.88 -11.04 -24.89
CA ILE A 122 -3.90 -10.08 -25.34
C ILE A 122 -3.80 -9.84 -26.87
N PRO A 123 -3.33 -10.84 -27.64
CA PRO A 123 -3.22 -10.65 -29.10
C PRO A 123 -4.49 -10.10 -29.77
N ALA A 124 -5.64 -10.65 -29.40
CA ALA A 124 -6.94 -10.23 -29.89
C ALA A 124 -7.14 -8.72 -29.69
N MET A 125 -6.90 -8.24 -28.49
CA MET A 125 -7.01 -6.82 -28.20
C MET A 125 -5.88 -6.05 -28.91
N LYS A 126 -4.73 -6.69 -29.12
CA LYS A 126 -3.64 -6.01 -29.84
C LYS A 126 -4.05 -5.74 -31.28
N ASP A 127 -4.78 -6.70 -31.85
CA ASP A 127 -5.31 -6.60 -33.22
C ASP A 127 -6.34 -5.49 -33.27
N ALA A 128 -7.06 -5.29 -32.18
CA ALA A 128 -8.08 -4.25 -32.13
C ALA A 128 -7.49 -2.87 -31.79
N GLY A 129 -6.17 -2.81 -31.56
CA GLY A 129 -5.53 -1.55 -31.26
C GLY A 129 -5.72 -1.02 -29.85
N GLY A 130 -5.88 -1.95 -28.90
CA GLY A 130 -6.05 -1.60 -27.51
C GLY A 130 -7.23 -2.33 -26.90
N GLY A 131 -7.38 -2.16 -25.58
CA GLY A 131 -8.51 -2.80 -24.90
C GLY A 131 -8.49 -2.55 -23.41
N SER A 132 -9.43 -3.14 -22.69
CA SER A 132 -9.50 -2.96 -21.25
C SER A 132 -9.74 -4.27 -20.49
N ILE A 133 -8.81 -4.63 -19.62
CA ILE A 133 -8.94 -5.84 -18.81
C ILE A 133 -9.21 -5.38 -17.36
N VAL A 134 -10.34 -5.82 -16.81
CA VAL A 134 -10.73 -5.49 -15.44
C VAL A 134 -10.80 -6.81 -14.67
N ASN A 135 -9.88 -6.97 -13.72
CA ASN A 135 -9.82 -8.16 -12.90
C ASN A 135 -10.56 -7.93 -11.60
N ILE A 136 -11.64 -8.67 -11.40
CA ILE A 136 -12.40 -8.52 -10.17
C ILE A 136 -11.70 -9.24 -9.02
N SER A 137 -10.83 -8.50 -8.35
CA SER A 137 -10.09 -9.02 -7.20
C SER A 137 -11.06 -8.95 -6.00
N SER A 138 -10.56 -8.62 -4.82
CA SER A 138 -11.44 -8.51 -3.67
C SER A 138 -10.89 -7.56 -2.61
N ALA A 139 -11.72 -7.26 -1.62
CA ALA A 139 -11.32 -6.42 -0.49
C ALA A 139 -10.38 -7.27 0.39
N ALA A 140 -10.34 -8.56 0.09
CA ALA A 140 -9.52 -9.58 0.76
C ALA A 140 -8.12 -9.54 0.17
N GLY A 141 -8.01 -8.90 -1.00
CA GLY A 141 -6.75 -8.77 -1.69
C GLY A 141 -6.12 -7.42 -1.42
N LEU A 142 -6.68 -6.66 -0.48
CA LEU A 142 -6.15 -5.34 -0.15
C LEU A 142 -5.64 -5.27 1.27
N MET A 143 -5.93 -6.27 2.10
CA MET A 143 -5.47 -6.29 3.50
C MET A 143 -5.60 -7.74 3.91
N GLY A 144 -5.10 -8.08 5.08
CA GLY A 144 -5.17 -9.45 5.55
C GLY A 144 -6.52 -9.69 6.16
N LEU A 145 -7.39 -10.39 5.43
CA LEU A 145 -8.72 -10.70 5.93
C LEU A 145 -8.70 -12.10 6.50
N ALA A 146 -9.25 -12.25 7.70
CA ALA A 146 -9.30 -13.56 8.34
C ALA A 146 -10.28 -14.49 7.62
N LEU A 147 -10.01 -15.78 7.73
CA LEU A 147 -10.82 -16.83 7.17
C LEU A 147 -10.86 -16.90 5.66
N THR A 148 -10.09 -16.07 4.97
CA THR A 148 -10.13 -16.11 3.49
C THR A 148 -9.09 -17.03 2.92
N SER A 149 -8.18 -17.51 3.78
CA SER A 149 -7.13 -18.44 3.38
C SER A 149 -6.73 -18.45 1.89
N SER A 150 -7.22 -19.45 1.14
CA SER A 150 -6.88 -19.60 -0.28
C SER A 150 -7.40 -18.44 -1.13
N TYR A 151 -8.61 -17.99 -0.79
CA TYR A 151 -9.28 -16.91 -1.47
C TYR A 151 -8.46 -15.62 -1.25
N GLY A 152 -7.85 -15.50 -0.09
CA GLY A 152 -7.04 -14.34 0.18
C GLY A 152 -5.81 -14.40 -0.72
N ALA A 153 -5.08 -15.51 -0.60
CA ALA A 153 -3.87 -15.76 -1.39
C ALA A 153 -4.07 -15.40 -2.86
N SER A 154 -5.06 -16.01 -3.49
CA SER A 154 -5.34 -15.75 -4.89
C SER A 154 -5.71 -14.29 -5.22
N LYS A 155 -6.43 -13.62 -4.32
CA LYS A 155 -6.86 -12.24 -4.54
C LYS A 155 -5.74 -11.24 -4.51
N TRP A 156 -4.74 -11.53 -3.68
CA TRP A 156 -3.56 -10.70 -3.60
C TRP A 156 -2.81 -11.02 -4.89
N GLY A 157 -2.92 -12.29 -5.31
CA GLY A 157 -2.31 -12.77 -6.55
C GLY A 157 -2.85 -11.99 -7.73
N VAL A 158 -4.17 -11.98 -7.88
CA VAL A 158 -4.85 -11.21 -8.94
C VAL A 158 -4.49 -9.70 -8.95
N ARG A 159 -4.25 -9.11 -7.77
CA ARG A 159 -3.89 -7.71 -7.69
C ARG A 159 -2.47 -7.46 -8.20
N GLY A 160 -1.47 -8.17 -7.70
CA GLY A 160 -0.12 -7.97 -8.20
C GLY A 160 0.02 -8.29 -9.67
N LEU A 161 -0.64 -9.35 -10.12
CA LEU A 161 -0.60 -9.78 -11.51
C LEU A 161 -1.18 -8.76 -12.50
N SER A 162 -2.02 -7.84 -12.02
CA SER A 162 -2.63 -6.83 -12.90
C SER A 162 -1.63 -5.74 -13.14
N LYS A 163 -0.85 -5.47 -12.12
CA LYS A 163 0.16 -4.43 -12.17
C LYS A 163 1.32 -4.73 -13.12
N LEU A 164 1.83 -5.97 -13.14
CA LEU A 164 2.91 -6.27 -14.08
C LEU A 164 2.35 -6.28 -15.52
N ALA A 165 1.15 -6.84 -15.71
CA ALA A 165 0.54 -6.88 -17.02
C ALA A 165 0.30 -5.46 -17.49
N ALA A 166 0.04 -4.57 -16.55
CA ALA A 166 -0.20 -3.18 -16.87
C ALA A 166 1.10 -2.57 -17.38
N VAL A 167 2.18 -2.76 -16.65
CA VAL A 167 3.47 -2.21 -17.07
C VAL A 167 3.89 -2.80 -18.41
N GLU A 168 3.75 -4.11 -18.57
CA GLU A 168 4.12 -4.77 -19.83
C GLU A 168 3.30 -4.28 -21.03
N LEU A 169 1.98 -4.36 -20.95
CA LEU A 169 1.09 -3.98 -22.06
C LEU A 169 0.73 -2.51 -22.22
N GLY A 170 1.31 -1.63 -21.43
CA GLY A 170 0.98 -0.22 -21.52
C GLY A 170 1.15 0.49 -22.85
N THR A 171 2.14 0.06 -23.61
CA THR A 171 2.44 0.66 -24.92
C THR A 171 1.63 0.08 -26.07
N ASP A 172 0.89 -0.98 -25.77
CA ASP A 172 0.03 -1.62 -26.75
C ASP A 172 -1.37 -1.09 -26.53
N ARG A 173 -1.47 -0.16 -25.59
CA ARG A 173 -2.71 0.48 -25.22
C ARG A 173 -3.70 -0.47 -24.58
N ILE A 174 -3.19 -1.56 -24.03
CA ILE A 174 -4.04 -2.50 -23.34
C ILE A 174 -3.98 -2.11 -21.87
N ARG A 175 -5.09 -1.62 -21.34
CA ARG A 175 -5.19 -1.21 -19.95
C ARG A 175 -5.63 -2.36 -19.06
N VAL A 176 -4.96 -2.51 -17.90
CA VAL A 176 -5.29 -3.54 -16.91
C VAL A 176 -5.37 -2.93 -15.51
N ASN A 177 -6.52 -3.11 -14.86
CA ASN A 177 -6.76 -2.58 -13.50
C ASN A 177 -7.51 -3.67 -12.74
N SER A 178 -7.61 -3.53 -11.42
CA SER A 178 -8.33 -4.52 -10.61
C SER A 178 -9.41 -3.82 -9.83
N VAL A 179 -10.53 -4.49 -9.66
CA VAL A 179 -11.62 -3.92 -8.90
C VAL A 179 -11.64 -4.72 -7.63
N HIS A 180 -11.85 -4.07 -6.51
CA HIS A 180 -11.87 -4.80 -5.27
C HIS A 180 -13.19 -4.61 -4.51
N PRO A 181 -14.17 -5.52 -4.68
CA PRO A 181 -15.46 -5.40 -3.97
C PRO A 181 -15.41 -5.82 -2.49
N GLY A 182 -15.99 -5.01 -1.61
CA GLY A 182 -16.07 -5.41 -0.21
C GLY A 182 -17.32 -6.30 -0.01
N MET A 183 -17.96 -6.23 1.15
CA MET A 183 -19.16 -7.04 1.41
C MET A 183 -20.26 -6.59 0.48
N THR A 184 -20.83 -7.53 -0.26
CA THR A 184 -21.88 -7.22 -1.22
C THR A 184 -23.02 -8.20 -1.08
N TYR A 185 -24.23 -7.70 -1.24
CA TYR A 185 -25.36 -8.59 -1.13
C TYR A 185 -25.61 -9.28 -2.46
N THR A 186 -25.54 -10.59 -2.40
CA THR A 186 -25.79 -11.44 -3.54
C THR A 186 -26.44 -12.63 -2.82
N PRO A 187 -27.54 -13.16 -3.38
CA PRO A 187 -28.24 -14.30 -2.77
C PRO A 187 -27.34 -15.37 -2.13
N MET A 188 -26.12 -15.52 -2.65
CA MET A 188 -25.16 -16.48 -2.10
C MET A 188 -24.75 -16.04 -0.68
N THR A 189 -24.42 -14.76 -0.54
CA THR A 189 -24.02 -14.20 0.75
C THR A 189 -25.26 -14.14 1.65
N ALA A 190 -26.44 -14.21 1.05
CA ALA A 190 -27.70 -14.22 1.80
C ALA A 190 -27.61 -15.53 2.55
N GLU A 191 -27.15 -16.54 1.83
CA GLU A 191 -26.98 -17.86 2.37
C GLU A 191 -25.59 -17.87 3.00
N THR A 192 -25.39 -16.92 3.90
CA THR A 192 -24.16 -16.71 4.63
C THR A 192 -24.64 -16.01 5.92
N GLY A 193 -25.62 -15.12 5.76
CA GLY A 193 -26.17 -14.40 6.90
C GLY A 193 -26.11 -12.91 6.64
N ILE A 194 -25.59 -12.56 5.48
CA ILE A 194 -25.46 -11.16 5.08
C ILE A 194 -26.82 -10.53 4.80
N ARG A 195 -26.98 -9.28 5.21
CA ARG A 195 -28.23 -8.57 4.97
C ARG A 195 -28.03 -7.27 4.23
N GLN A 196 -28.92 -6.99 3.29
CA GLN A 196 -28.86 -5.73 2.57
C GLN A 196 -29.67 -4.72 3.39
N GLY A 197 -29.30 -3.45 3.34
CA GLY A 197 -30.06 -2.46 4.09
C GLY A 197 -29.28 -1.66 5.11
N GLU A 198 -29.75 -0.44 5.36
CA GLU A 198 -29.13 0.48 6.31
C GLU A 198 -28.75 -0.17 7.65
N GLY A 199 -27.55 0.18 8.12
CA GLY A 199 -27.04 -0.31 9.39
C GLY A 199 -26.90 -1.82 9.54
N ASN A 200 -27.24 -2.57 8.50
CA ASN A 200 -27.16 -4.02 8.54
C ASN A 200 -25.78 -4.68 8.50
N TYR A 201 -24.72 -3.88 8.44
CA TYR A 201 -23.34 -4.38 8.43
C TYR A 201 -22.57 -3.22 9.04
N PRO A 202 -22.61 -3.12 10.37
CA PRO A 202 -21.95 -2.07 11.15
C PRO A 202 -20.43 -2.07 11.11
N ASN A 203 -19.84 -3.15 10.63
CA ASN A 203 -18.39 -3.26 10.61
C ASN A 203 -17.62 -2.74 9.40
N THR A 204 -18.26 -1.84 8.68
CA THR A 204 -17.66 -1.21 7.53
C THR A 204 -18.17 0.23 7.73
N PRO A 205 -17.32 1.24 7.55
CA PRO A 205 -17.72 2.65 7.70
C PRO A 205 -19.15 2.98 7.29
N MET A 206 -19.46 2.73 6.02
CA MET A 206 -20.81 3.01 5.52
C MET A 206 -21.99 2.30 6.20
N GLY A 207 -21.75 1.30 7.03
CA GLY A 207 -22.83 0.63 7.72
C GLY A 207 -23.59 -0.53 7.07
N ARG A 208 -23.37 -0.81 5.80
CA ARG A 208 -24.09 -1.91 5.17
C ARG A 208 -23.35 -2.48 3.99
N VAL A 209 -23.78 -3.66 3.55
CA VAL A 209 -23.20 -4.32 2.40
C VAL A 209 -23.64 -3.53 1.16
N GLY A 210 -22.88 -3.63 0.08
CA GLY A 210 -23.22 -2.92 -1.13
C GLY A 210 -24.05 -3.80 -2.04
N GLU A 211 -24.59 -3.21 -3.11
CA GLU A 211 -25.41 -3.95 -4.05
C GLU A 211 -24.58 -4.19 -5.30
N PRO A 212 -24.93 -5.21 -6.09
CA PRO A 212 -24.23 -5.57 -7.32
C PRO A 212 -24.11 -4.43 -8.30
N GLY A 213 -25.12 -3.56 -8.32
CA GLY A 213 -25.10 -2.42 -9.23
C GLY A 213 -24.02 -1.42 -8.89
N GLU A 214 -23.65 -1.39 -7.61
CA GLU A 214 -22.64 -0.47 -7.15
C GLU A 214 -21.28 -0.89 -7.70
N ILE A 215 -21.10 -2.19 -7.84
CA ILE A 215 -19.83 -2.71 -8.34
C ILE A 215 -19.78 -2.58 -9.86
N ALA A 216 -20.85 -3.04 -10.52
CA ALA A 216 -20.93 -2.99 -11.99
C ALA A 216 -20.64 -1.62 -12.58
N GLY A 217 -21.18 -0.57 -11.94
CA GLY A 217 -20.95 0.79 -12.41
C GLY A 217 -19.47 1.14 -12.50
N ALA A 218 -18.68 0.68 -11.53
CA ALA A 218 -17.25 0.94 -11.49
C ALA A 218 -16.52 0.18 -12.58
N VAL A 219 -16.81 -1.10 -12.71
CA VAL A 219 -16.23 -1.98 -13.73
C VAL A 219 -16.38 -1.33 -15.08
N VAL A 220 -17.55 -0.74 -15.31
CA VAL A 220 -17.91 -0.04 -16.54
C VAL A 220 -17.13 1.27 -16.69
N LYS A 221 -16.82 1.94 -15.58
CA LYS A 221 -16.03 3.17 -15.68
C LYS A 221 -14.67 2.83 -16.28
N LEU A 222 -14.04 1.78 -15.75
CA LEU A 222 -12.72 1.28 -16.20
C LEU A 222 -12.75 0.53 -17.51
N LEU A 223 -13.95 0.06 -17.88
CA LEU A 223 -14.11 -0.67 -19.11
C LEU A 223 -14.25 0.34 -20.22
N SER A 224 -14.61 1.58 -19.84
CA SER A 224 -14.83 2.67 -20.81
C SER A 224 -13.58 3.48 -21.11
N ASP A 225 -13.69 4.37 -22.10
CA ASP A 225 -12.60 5.23 -22.53
C ASP A 225 -12.45 6.44 -21.67
N THR A 226 -13.31 6.58 -20.67
CA THR A 226 -13.27 7.72 -19.78
C THR A 226 -12.04 7.58 -18.90
N SER A 227 -11.69 6.33 -18.61
CA SER A 227 -10.53 6.01 -17.81
C SER A 227 -9.38 5.65 -18.74
N SER A 228 -9.24 6.43 -19.80
CA SER A 228 -8.22 6.19 -20.81
C SER A 228 -6.77 6.22 -20.33
N TYR A 229 -6.47 7.01 -19.30
CA TYR A 229 -5.09 7.07 -18.80
C TYR A 229 -4.90 6.26 -17.52
N VAL A 230 -5.81 5.34 -17.25
CA VAL A 230 -5.79 4.55 -16.04
C VAL A 230 -5.31 3.11 -16.23
N THR A 231 -4.16 2.78 -15.63
CA THR A 231 -3.61 1.42 -15.66
C THR A 231 -2.83 1.22 -14.41
N GLY A 232 -2.81 -0.03 -13.96
CA GLY A 232 -2.07 -0.42 -12.78
C GLY A 232 -2.74 0.01 -11.51
N ALA A 233 -3.99 0.48 -11.65
CA ALA A 233 -4.80 0.99 -10.54
C ALA A 233 -5.73 -0.03 -9.90
N GLU A 234 -6.04 0.25 -8.63
CA GLU A 234 -6.90 -0.59 -7.83
C GLU A 234 -8.00 0.25 -7.24
N LEU A 235 -9.21 -0.03 -7.66
CA LEU A 235 -10.35 0.69 -7.16
C LEU A 235 -11.17 -0.19 -6.20
N ALA A 236 -11.14 0.18 -4.92
CA ALA A 236 -11.93 -0.52 -3.92
C ALA A 236 -13.32 0.11 -3.90
N VAL A 237 -14.31 -0.75 -3.91
CA VAL A 237 -15.72 -0.37 -3.84
C VAL A 237 -16.17 -1.22 -2.66
N ASP A 238 -16.13 -0.66 -1.45
CA ASP A 238 -16.49 -1.43 -0.26
C ASP A 238 -16.95 -0.59 0.92
N GLY A 239 -17.48 0.59 0.65
CA GLY A 239 -17.95 1.42 1.73
C GLY A 239 -16.93 1.68 2.81
N GLY A 240 -15.66 1.70 2.41
CA GLY A 240 -14.60 1.96 3.36
C GLY A 240 -14.12 0.76 4.17
N TRP A 241 -14.59 -0.43 3.86
CA TRP A 241 -14.19 -1.61 4.58
C TRP A 241 -12.67 -1.66 4.74
N THR A 242 -12.01 -1.52 3.61
CA THR A 242 -10.57 -1.55 3.46
C THR A 242 -9.83 -0.30 3.95
N THR A 243 -10.50 0.85 3.89
CA THR A 243 -9.87 2.10 4.24
C THR A 243 -9.26 2.21 5.64
N GLY A 244 -9.91 1.58 6.62
CA GLY A 244 -9.45 1.63 8.00
C GLY A 244 -10.53 1.11 8.94
N PRO A 245 -10.20 0.89 10.23
CA PRO A 245 -11.26 0.39 11.11
C PRO A 245 -12.35 1.38 11.53
N THR A 246 -13.52 0.79 11.73
CA THR A 246 -14.72 1.46 12.14
C THR A 246 -14.48 2.26 13.44
N VAL A 247 -15.15 3.40 13.57
CA VAL A 247 -15.02 4.29 14.73
C VAL A 247 -15.20 3.55 16.04
N LYS A 248 -16.17 2.63 16.07
CA LYS A 248 -16.45 1.81 17.24
C LYS A 248 -15.25 0.90 17.57
N TYR A 249 -14.75 0.19 16.58
CA TYR A 249 -13.59 -0.67 16.73
C TYR A 249 -12.43 0.18 17.28
N VAL A 250 -12.21 1.34 16.67
CA VAL A 250 -11.12 2.22 17.08
C VAL A 250 -11.14 2.63 18.56
N MET A 251 -12.33 2.63 19.16
CA MET A 251 -12.45 3.02 20.55
C MET A 251 -12.53 1.85 21.54
N GLY A 252 -12.69 0.63 21.04
CA GLY A 252 -12.79 -0.53 21.91
C GLY A 252 -14.13 -1.17 21.69
N GLN A 253 -14.31 -1.65 20.46
CA GLN A 253 -15.52 -2.31 20.02
C GLN A 253 -15.92 -3.47 20.92
N ASN B 1 25.67 -8.28 15.69
CA ASN B 1 24.45 -7.99 14.88
C ASN B 1 24.08 -6.51 15.00
N ASP B 2 23.07 -6.19 15.79
CA ASP B 2 22.62 -4.81 15.98
C ASP B 2 23.52 -4.06 16.98
N LEU B 3 24.79 -3.82 16.63
CA LEU B 3 25.72 -3.12 17.52
C LEU B 3 26.10 -1.72 17.01
N SER B 4 26.62 -0.89 17.93
CA SER B 4 27.01 0.49 17.60
C SER B 4 28.45 1.01 17.99
N GLY B 5 28.80 2.17 17.42
CA GLY B 5 30.06 2.89 17.65
C GLY B 5 29.80 4.30 17.08
N LYS B 6 28.53 4.71 17.16
CA LYS B 6 28.06 5.96 16.58
C LYS B 6 27.33 6.92 17.49
N THR B 7 27.01 8.08 16.94
CA THR B 7 26.34 9.14 17.66
C THR B 7 24.95 9.32 17.14
N VAL B 8 23.95 8.98 17.95
CA VAL B 8 22.59 9.16 17.46
C VAL B 8 21.78 10.19 18.26
N ILE B 9 21.23 11.17 17.55
CA ILE B 9 20.39 12.18 18.20
C ILE B 9 18.90 11.68 18.26
N ILE B 10 18.34 11.66 19.47
CA ILE B 10 16.98 11.21 19.67
C ILE B 10 16.11 12.37 20.14
N THR B 11 15.14 12.65 19.29
CA THR B 11 14.20 13.71 19.50
C THR B 11 12.99 13.14 20.20
N GLY B 12 12.56 13.84 21.26
CA GLY B 12 11.43 13.43 22.07
C GLY B 12 11.89 12.37 23.03
N GLY B 13 13.17 12.39 23.37
CA GLY B 13 13.70 11.39 24.27
C GLY B 13 13.62 11.66 25.76
N ALA B 14 12.81 12.63 26.18
CA ALA B 14 12.72 12.92 27.59
C ALA B 14 11.86 11.88 28.26
N ARG B 15 11.00 11.23 27.49
CA ARG B 15 10.09 10.22 28.04
C ARG B 15 9.58 9.24 26.99
N GLY B 16 8.79 8.29 27.46
CA GLY B 16 8.18 7.31 26.59
C GLY B 16 9.13 6.60 25.65
N LEU B 17 8.70 6.48 24.41
CA LEU B 17 9.47 5.80 23.38
C LEU B 17 10.88 6.37 23.22
N GLY B 18 10.99 7.70 23.12
CA GLY B 18 12.29 8.32 22.96
C GLY B 18 13.34 7.92 23.99
N ALA B 19 12.94 7.88 25.26
CA ALA B 19 13.86 7.52 26.32
C ALA B 19 14.18 6.06 26.19
N GLU B 20 13.16 5.27 25.93
CA GLU B 20 13.36 3.85 25.80
C GLU B 20 14.38 3.55 24.72
N ALA B 21 14.26 4.20 23.57
CA ALA B 21 15.16 3.95 22.46
C ALA B 21 16.57 4.34 22.86
N ALA B 22 16.69 5.44 23.62
CA ALA B 22 17.98 5.95 24.08
C ALA B 22 18.65 4.94 24.98
N ARG B 23 17.88 4.45 25.93
CA ARG B 23 18.29 3.45 26.90
C ARG B 23 18.79 2.22 26.15
N GLN B 24 18.02 1.75 25.17
CA GLN B 24 18.38 0.57 24.39
C GLN B 24 19.63 0.76 23.54
N ALA B 25 19.73 1.90 22.86
CA ALA B 25 20.88 2.20 22.02
C ALA B 25 22.16 2.38 22.83
N VAL B 26 22.04 3.03 23.99
CA VAL B 26 23.18 3.28 24.88
C VAL B 26 23.66 1.93 25.35
N ALA B 27 22.68 1.05 25.52
CA ALA B 27 22.91 -0.31 25.95
C ALA B 27 23.47 -1.15 24.79
N ALA B 28 23.55 -0.54 23.61
CA ALA B 28 24.08 -1.21 22.43
C ALA B 28 25.42 -0.60 22.00
N GLY B 29 25.87 0.45 22.72
CA GLY B 29 27.15 1.07 22.41
C GLY B 29 27.15 2.47 21.81
N ALA B 30 25.98 2.97 21.45
CA ALA B 30 25.91 4.29 20.89
C ALA B 30 26.00 5.35 21.97
N ARG B 31 26.33 6.57 21.54
CA ARG B 31 26.43 7.74 22.40
C ARG B 31 25.24 8.53 21.89
N VAL B 32 24.33 8.80 22.80
CA VAL B 32 23.09 9.46 22.45
C VAL B 32 22.97 10.92 22.90
N VAL B 33 22.14 11.65 22.16
CA VAL B 33 21.82 13.02 22.49
C VAL B 33 20.29 13.07 22.58
N LEU B 34 19.81 13.34 23.78
CA LEU B 34 18.39 13.47 24.02
C LEU B 34 18.06 14.91 23.71
N ALA B 35 16.91 15.14 23.11
CA ALA B 35 16.48 16.49 22.79
C ALA B 35 14.97 16.47 22.98
N ASP B 36 14.47 17.44 23.74
CA ASP B 36 13.05 17.54 24.03
C ASP B 36 12.77 18.94 24.48
N VAL B 37 11.49 19.26 24.69
CA VAL B 37 11.14 20.55 25.24
C VAL B 37 11.06 20.39 26.77
N LEU B 38 10.90 19.14 27.22
CA LEU B 38 10.80 18.78 28.64
C LEU B 38 12.16 18.72 29.34
N ASP B 39 12.84 19.87 29.46
CA ASP B 39 14.19 19.95 30.08
C ASP B 39 14.48 19.15 31.34
N GLU B 40 13.89 19.56 32.45
CA GLU B 40 14.06 18.90 33.73
C GLU B 40 14.07 17.37 33.62
N GLU B 41 13.05 16.83 32.98
CA GLU B 41 12.93 15.38 32.81
C GLU B 41 14.09 14.92 31.92
N GLY B 42 14.23 15.54 30.75
CA GLY B 42 15.27 15.15 29.83
C GLY B 42 16.63 14.92 30.45
N ALA B 43 17.11 15.93 31.16
CA ALA B 43 18.42 15.84 31.80
C ALA B 43 18.39 14.69 32.81
N ALA B 44 17.20 14.43 33.36
CA ALA B 44 17.04 13.36 34.31
C ALA B 44 17.22 12.03 33.56
N THR B 45 16.76 11.97 32.31
CA THR B 45 16.86 10.77 31.49
C THR B 45 18.32 10.56 31.13
N ALA B 46 18.97 11.64 30.74
CA ALA B 46 20.38 11.60 30.38
C ALA B 46 21.20 11.14 31.59
N ARG B 47 21.02 11.82 32.71
CA ARG B 47 21.72 11.55 33.94
C ARG B 47 21.64 10.10 34.36
N GLU B 48 20.50 9.48 34.15
CA GLU B 48 20.35 8.07 34.50
C GLU B 48 21.00 7.17 33.45
N LEU B 49 20.88 7.54 32.17
CA LEU B 49 21.45 6.77 31.07
C LEU B 49 22.95 6.52 31.20
N GLY B 50 23.69 7.56 31.60
CA GLY B 50 25.11 7.39 31.78
C GLY B 50 25.93 8.41 31.03
N ASP B 51 27.18 8.04 30.74
CA ASP B 51 28.14 8.89 30.05
C ASP B 51 28.01 8.89 28.53
N ALA B 52 27.26 7.92 28.02
CA ALA B 52 27.04 7.82 26.60
C ALA B 52 25.92 8.78 26.20
N ALA B 53 25.34 9.47 27.18
CA ALA B 53 24.25 10.38 26.91
C ALA B 53 24.46 11.79 27.38
N ARG B 54 23.90 12.71 26.62
CA ARG B 54 23.91 14.15 26.90
C ARG B 54 22.44 14.57 26.64
N TYR B 55 21.96 15.63 27.28
CA TYR B 55 20.60 16.09 26.98
C TYR B 55 20.71 17.49 26.40
N GLN B 56 19.89 17.76 25.39
CA GLN B 56 19.89 19.04 24.72
C GLN B 56 18.50 19.55 24.52
N HIS B 57 18.30 20.84 24.74
CA HIS B 57 16.99 21.44 24.56
C HIS B 57 16.75 21.67 23.06
N LEU B 58 15.60 21.22 22.59
CA LEU B 58 15.31 21.37 21.19
C LEU B 58 13.82 21.48 20.85
N ASP B 59 13.43 22.61 20.25
CA ASP B 59 12.05 22.78 19.83
C ASP B 59 12.05 22.38 18.35
N VAL B 60 11.63 21.15 18.10
CA VAL B 60 11.59 20.57 16.76
C VAL B 60 11.16 21.48 15.60
N THR B 61 10.45 22.58 15.90
CA THR B 61 9.98 23.49 14.84
C THR B 61 10.89 24.69 14.58
N ILE B 62 11.92 24.84 15.41
CA ILE B 62 12.87 25.91 15.28
C ILE B 62 14.19 25.40 14.67
N GLU B 63 14.41 25.82 13.43
CA GLU B 63 15.59 25.48 12.67
C GLU B 63 16.88 25.74 13.41
N GLU B 64 16.89 26.78 14.23
CA GLU B 64 18.08 27.15 14.98
C GLU B 64 18.38 26.15 16.08
N ASP B 65 17.34 25.65 16.74
CA ASP B 65 17.54 24.67 17.79
C ASP B 65 18.20 23.44 17.18
N TRP B 66 17.73 23.06 16.01
CA TRP B 66 18.24 21.90 15.27
C TRP B 66 19.70 22.08 14.96
N GLN B 67 19.97 23.22 14.33
CA GLN B 67 21.32 23.60 13.90
C GLN B 67 22.31 23.57 15.05
N ARG B 68 21.86 24.00 16.23
CA ARG B 68 22.65 24.08 17.43
C ARG B 68 22.88 22.71 18.03
N VAL B 69 21.82 21.91 18.07
CA VAL B 69 21.92 20.57 18.63
C VAL B 69 22.72 19.65 17.74
N VAL B 70 22.58 19.80 16.41
CA VAL B 70 23.32 18.96 15.49
C VAL B 70 24.79 19.30 15.58
N ALA B 71 25.07 20.59 15.76
CA ALA B 71 26.44 21.09 15.89
C ALA B 71 27.06 20.58 17.18
N TYR B 72 26.27 20.64 18.26
CA TYR B 72 26.72 20.18 19.57
C TYR B 72 27.17 18.72 19.49
N ALA B 73 26.47 17.90 18.71
CA ALA B 73 26.86 16.49 18.56
C ALA B 73 28.23 16.35 17.88
N ARG B 74 28.41 16.98 16.71
CA ARG B 74 29.67 16.93 15.97
C ARG B 74 30.84 17.31 16.84
N GLU B 75 30.64 18.34 17.66
CA GLU B 75 31.69 18.80 18.53
C GLU B 75 31.91 17.79 19.64
N GLU B 76 30.88 17.64 20.47
CA GLU B 76 30.88 16.76 21.63
C GLU B 76 31.05 15.27 21.43
N PHE B 77 30.84 14.75 20.23
CA PHE B 77 31.01 13.31 20.03
C PHE B 77 31.85 12.95 18.81
N GLY B 78 32.02 13.91 17.91
CA GLY B 78 32.81 13.66 16.71
C GLY B 78 32.03 13.46 15.42
N SER B 79 30.75 13.07 15.51
CA SER B 79 29.99 12.83 14.31
C SER B 79 28.52 12.73 14.61
N VAL B 80 27.72 12.62 13.56
CA VAL B 80 26.28 12.43 13.68
C VAL B 80 25.95 11.27 12.73
N ASP B 81 25.63 10.12 13.30
CA ASP B 81 25.38 8.93 12.51
C ASP B 81 23.92 8.51 12.46
N GLY B 82 23.14 8.95 13.43
CA GLY B 82 21.75 8.55 13.47
C GLY B 82 20.83 9.61 14.01
N LEU B 83 19.60 9.63 13.48
CA LEU B 83 18.56 10.57 13.89
C LEU B 83 17.31 9.71 14.09
N VAL B 84 16.66 9.90 15.24
CA VAL B 84 15.44 9.20 15.56
C VAL B 84 14.47 10.35 15.82
N ASN B 85 13.57 10.53 14.86
CA ASN B 85 12.56 11.57 14.92
C ASN B 85 11.32 11.03 15.61
N ASN B 86 11.21 11.31 16.90
CA ASN B 86 10.10 10.82 17.72
C ASN B 86 9.12 11.89 18.21
N ALA B 87 9.65 13.02 18.67
CA ALA B 87 8.83 14.12 19.18
C ALA B 87 7.62 14.39 18.32
N GLY B 88 6.48 14.51 18.99
CA GLY B 88 5.23 14.76 18.28
C GLY B 88 4.10 14.95 19.29
N ILE B 89 2.98 15.47 18.79
CA ILE B 89 1.81 15.67 19.62
C ILE B 89 0.66 14.92 18.95
N SER B 90 -0.26 14.40 19.74
CA SER B 90 -1.34 13.62 19.17
C SER B 90 -2.67 14.32 19.00
N THR B 91 -3.65 13.57 18.48
CA THR B 91 -4.96 14.12 18.25
C THR B 91 -5.99 13.06 18.56
N GLY B 92 -7.03 13.43 19.28
CA GLY B 92 -8.07 12.48 19.60
C GLY B 92 -9.41 13.13 19.45
N MET B 93 -9.82 13.40 18.21
CA MET B 93 -11.09 14.05 17.92
C MET B 93 -11.42 13.99 16.42
N PHE B 94 -12.69 14.22 16.10
CA PHE B 94 -13.18 14.20 14.73
C PHE B 94 -12.68 15.40 13.93
N LEU B 95 -12.62 15.22 12.62
CA LEU B 95 -12.15 16.26 11.72
C LEU B 95 -12.83 17.63 11.87
N GLU B 96 -14.15 17.70 11.71
CA GLU B 96 -14.88 18.98 11.82
C GLU B 96 -14.66 19.66 13.18
N THR B 97 -14.43 18.85 14.18
CA THR B 97 -14.21 19.34 15.51
C THR B 97 -12.89 20.07 15.67
N GLU B 98 -11.84 19.55 15.05
CA GLU B 98 -10.54 20.16 15.24
C GLU B 98 -10.32 21.57 14.67
N SER B 99 -9.82 22.47 15.52
CA SER B 99 -9.58 23.84 15.09
C SER B 99 -8.43 23.88 14.10
N VAL B 100 -8.54 24.76 13.11
CA VAL B 100 -7.49 24.89 12.10
C VAL B 100 -6.20 25.36 12.75
N GLU B 101 -6.36 26.11 13.83
CA GLU B 101 -5.20 26.59 14.52
C GLU B 101 -4.44 25.40 15.08
N ARG B 102 -5.14 24.52 15.78
CA ARG B 102 -4.50 23.33 16.38
C ARG B 102 -4.02 22.38 15.29
N PHE B 103 -4.74 22.34 14.18
CA PHE B 103 -4.37 21.48 13.08
C PHE B 103 -2.96 21.89 12.67
N ARG B 104 -2.82 23.19 12.43
CA ARG B 104 -1.57 23.80 12.06
C ARG B 104 -0.48 23.55 13.10
N LYS B 105 -0.83 23.60 14.38
CA LYS B 105 0.16 23.38 15.42
C LYS B 105 0.68 21.98 15.31
N VAL B 106 -0.21 21.00 15.45
CA VAL B 106 0.17 19.58 15.37
C VAL B 106 1.00 19.25 14.13
N VAL B 107 0.59 19.76 12.97
CA VAL B 107 1.32 19.49 11.74
C VAL B 107 2.74 20.05 11.73
N GLU B 108 2.94 21.11 12.50
CA GLU B 108 4.25 21.77 12.65
C GLU B 108 5.33 20.92 13.29
N ILE B 109 4.92 20.22 14.35
CA ILE B 109 5.76 19.33 15.15
C ILE B 109 5.95 18.01 14.42
N ASN B 110 4.82 17.37 14.18
CA ASN B 110 4.82 16.07 13.55
C ASN B 110 5.41 15.96 12.18
N LEU B 111 5.19 16.97 11.33
CA LEU B 111 5.68 16.91 9.94
C LEU B 111 6.85 17.83 9.62
N THR B 112 6.58 19.14 9.64
CA THR B 112 7.59 20.14 9.35
C THR B 112 8.77 19.98 10.31
N GLY B 113 8.52 19.40 11.47
CA GLY B 113 9.59 19.20 12.43
C GLY B 113 10.58 18.15 11.98
N VAL B 114 10.09 17.00 11.48
CA VAL B 114 11.02 15.96 11.04
C VAL B 114 11.80 16.44 9.82
N PHE B 115 11.18 17.29 9.01
CA PHE B 115 11.82 17.84 7.82
C PHE B 115 12.99 18.74 8.21
N ILE B 116 12.80 19.61 9.20
CA ILE B 116 13.88 20.48 9.60
C ILE B 116 15.02 19.57 10.15
N GLY B 117 14.64 18.52 10.86
CA GLY B 117 15.62 17.59 11.40
C GLY B 117 16.43 16.96 10.28
N MET B 118 15.74 16.50 9.25
CA MET B 118 16.38 15.85 8.10
C MET B 118 17.36 16.77 7.36
N LYS B 119 16.83 17.79 6.69
CA LYS B 119 17.66 18.74 5.96
C LYS B 119 18.84 19.23 6.82
N THR B 120 18.64 19.35 8.14
CA THR B 120 19.70 19.81 9.04
C THR B 120 20.82 18.78 9.32
N VAL B 121 20.42 17.52 9.56
CA VAL B 121 21.34 16.44 9.90
C VAL B 121 22.06 15.87 8.66
N ILE B 122 21.40 16.00 7.50
CA ILE B 122 21.93 15.50 6.24
C ILE B 122 23.41 15.87 5.98
N PRO B 123 23.75 17.15 6.09
CA PRO B 123 25.16 17.49 5.85
C PRO B 123 26.13 16.79 6.84
N ALA B 124 25.76 16.74 8.12
CA ALA B 124 26.59 16.07 9.12
C ALA B 124 26.82 14.61 8.77
N MET B 125 25.79 13.94 8.27
CA MET B 125 25.91 12.54 7.88
C MET B 125 26.74 12.42 6.60
N LYS B 126 26.57 13.34 5.65
CA LYS B 126 27.37 13.30 4.42
C LYS B 126 28.84 13.39 4.80
N ASP B 127 29.09 14.22 5.81
CA ASP B 127 30.39 14.47 6.42
C ASP B 127 30.96 13.19 7.02
N ALA B 128 30.07 12.31 7.47
CA ALA B 128 30.44 11.05 8.10
C ALA B 128 30.31 9.82 7.19
N GLY B 129 30.13 10.04 5.89
CA GLY B 129 30.03 8.93 4.94
C GLY B 129 28.81 8.02 5.06
N GLY B 130 27.65 8.58 5.37
CA GLY B 130 26.46 7.77 5.50
C GLY B 130 25.84 7.96 6.87
N GLY B 131 24.62 7.48 7.03
CA GLY B 131 23.92 7.63 8.29
C GLY B 131 22.55 7.00 8.27
N SER B 132 21.85 7.02 9.39
CA SER B 132 20.49 6.42 9.46
C SER B 132 19.44 7.34 10.07
N ILE B 133 18.40 7.61 9.31
CA ILE B 133 17.33 8.43 9.80
C ILE B 133 16.08 7.57 10.00
N VAL B 134 15.69 7.42 11.26
CA VAL B 134 14.53 6.62 11.59
C VAL B 134 13.37 7.51 11.99
N ASN B 135 12.41 7.63 11.09
CA ASN B 135 11.25 8.45 11.30
C ASN B 135 10.11 7.71 11.93
N ILE B 136 9.91 7.98 13.21
CA ILE B 136 8.84 7.35 13.98
C ILE B 136 7.48 7.88 13.55
N SER B 137 6.81 7.11 12.70
CA SER B 137 5.48 7.48 12.24
C SER B 137 4.50 6.80 13.24
N SER B 138 3.28 6.50 12.80
CA SER B 138 2.31 5.86 13.67
C SER B 138 1.51 4.90 12.83
N ALA B 139 0.65 4.13 13.50
CA ALA B 139 -0.25 3.22 12.78
C ALA B 139 -1.28 4.14 12.08
N ALA B 140 -1.39 5.39 12.54
CA ALA B 140 -2.30 6.37 11.95
C ALA B 140 -1.75 6.84 10.60
N GLY B 141 -0.47 6.51 10.33
CA GLY B 141 0.15 6.85 9.06
C GLY B 141 0.12 5.68 8.10
N LEU B 142 -0.52 4.59 8.48
CA LEU B 142 -0.59 3.40 7.65
C LEU B 142 -2.02 3.08 7.18
N MET B 143 -2.99 3.73 7.79
CA MET B 143 -4.39 3.49 7.44
C MET B 143 -5.14 4.65 7.97
N GLY B 144 -6.40 4.79 7.54
CA GLY B 144 -7.23 5.87 8.04
C GLY B 144 -7.64 5.48 9.46
N LEU B 145 -7.20 6.21 10.47
CA LEU B 145 -7.61 5.95 11.85
C LEU B 145 -8.60 7.00 12.32
N ALA B 146 -9.81 6.59 12.66
CA ALA B 146 -10.83 7.51 13.14
C ALA B 146 -10.21 8.30 14.24
N LEU B 147 -10.69 9.52 14.41
CA LEU B 147 -10.27 10.42 15.50
C LEU B 147 -8.86 10.98 15.58
N THR B 148 -8.01 10.76 14.55
CA THR B 148 -6.62 11.28 14.59
C THR B 148 -6.45 12.59 13.88
N SER B 149 -7.47 13.01 13.14
CA SER B 149 -7.45 14.28 12.40
C SER B 149 -6.04 14.74 11.97
N SER B 150 -5.53 15.84 12.53
CA SER B 150 -4.23 16.38 12.17
C SER B 150 -3.11 15.37 12.30
N TYR B 151 -3.22 14.50 13.30
CA TYR B 151 -2.21 13.46 13.56
C TYR B 151 -2.15 12.43 12.42
N GLY B 152 -3.29 12.15 11.81
CA GLY B 152 -3.38 11.20 10.72
C GLY B 152 -2.72 11.83 9.51
N ALA B 153 -3.09 13.08 9.27
CA ALA B 153 -2.54 13.84 8.16
C ALA B 153 -1.01 13.88 8.26
N SER B 154 -0.50 14.24 9.43
CA SER B 154 0.95 14.34 9.61
C SER B 154 1.74 13.02 9.64
N LYS B 155 1.12 11.93 10.07
CA LYS B 155 1.85 10.69 10.10
C LYS B 155 1.98 10.08 8.73
N TRP B 156 1.03 10.40 7.84
CA TRP B 156 1.03 9.97 6.44
C TRP B 156 2.11 10.80 5.72
N GLY B 157 2.22 12.06 6.11
CA GLY B 157 3.21 12.96 5.55
C GLY B 157 4.60 12.46 5.86
N VAL B 158 4.84 12.09 7.11
CA VAL B 158 6.16 11.58 7.50
C VAL B 158 6.54 10.33 6.69
N ARG B 159 5.55 9.50 6.36
CA ARG B 159 5.77 8.27 5.58
C ARG B 159 6.24 8.57 4.14
N GLY B 160 5.64 9.58 3.50
CA GLY B 160 6.05 9.95 2.16
C GLY B 160 7.36 10.70 2.20
N LEU B 161 7.57 11.51 3.23
CA LEU B 161 8.79 12.27 3.39
C LEU B 161 9.97 11.33 3.47
N SER B 162 9.84 10.28 4.28
CA SER B 162 10.92 9.31 4.40
C SER B 162 11.22 8.68 3.04
N LYS B 163 10.17 8.25 2.35
CA LYS B 163 10.30 7.62 1.03
C LYS B 163 11.00 8.44 -0.03
N LEU B 164 10.60 9.69 -0.22
CA LEU B 164 11.24 10.52 -1.23
C LEU B 164 12.61 10.93 -0.80
N ALA B 165 12.84 11.01 0.50
CA ALA B 165 14.16 11.38 1.01
C ALA B 165 15.07 10.19 0.77
N ALA B 166 14.50 9.00 0.91
CA ALA B 166 15.22 7.76 0.73
C ALA B 166 15.79 7.61 -0.66
N VAL B 167 15.06 8.07 -1.69
CA VAL B 167 15.58 7.93 -3.05
C VAL B 167 16.64 9.01 -3.36
N GLU B 168 16.50 10.17 -2.73
CA GLU B 168 17.46 11.23 -2.96
C GLU B 168 18.82 10.98 -2.29
N LEU B 169 18.81 10.47 -1.06
CA LEU B 169 20.03 10.23 -0.28
C LEU B 169 20.72 8.86 -0.35
N GLY B 170 20.08 7.88 -0.99
CA GLY B 170 20.68 6.56 -1.10
C GLY B 170 22.16 6.56 -1.49
N THR B 171 22.48 7.25 -2.59
CA THR B 171 23.86 7.33 -3.10
C THR B 171 24.85 7.93 -2.12
N ASP B 172 24.36 8.66 -1.13
CA ASP B 172 25.21 9.26 -0.11
C ASP B 172 25.32 8.36 1.09
N ARG B 173 24.73 7.17 0.96
CA ARG B 173 24.69 6.17 2.02
C ARG B 173 23.84 6.62 3.20
N ILE B 174 22.91 7.53 2.94
CA ILE B 174 22.03 8.01 3.98
C ILE B 174 20.71 7.25 3.92
N ARG B 175 20.53 6.39 4.91
CA ARG B 175 19.34 5.59 5.01
C ARG B 175 18.24 6.37 5.72
N VAL B 176 17.01 6.19 5.23
CA VAL B 176 15.84 6.85 5.78
C VAL B 176 14.74 5.81 5.74
N ASN B 177 14.15 5.48 6.89
CA ASN B 177 13.04 4.50 6.97
C ASN B 177 12.07 5.05 8.00
N SER B 178 10.86 4.49 8.05
CA SER B 178 9.86 4.91 9.01
C SER B 178 9.38 3.71 9.79
N VAL B 179 9.16 3.93 11.09
CA VAL B 179 8.67 2.88 11.97
C VAL B 179 7.27 3.34 12.38
N HIS B 180 6.35 2.38 12.43
CA HIS B 180 4.93 2.63 12.72
C HIS B 180 4.36 1.87 13.92
N PRO B 181 4.39 2.48 15.12
CA PRO B 181 3.86 1.85 16.34
C PRO B 181 2.33 1.84 16.46
N GLY B 182 1.79 0.74 16.98
CA GLY B 182 0.37 0.62 17.18
C GLY B 182 0.08 1.04 18.62
N MET B 183 -0.94 0.46 19.24
CA MET B 183 -1.24 0.84 20.61
C MET B 183 -0.12 0.36 21.52
N THR B 184 0.56 1.31 22.15
CA THR B 184 1.67 1.02 23.04
C THR B 184 1.29 1.47 24.46
N TYR B 185 1.77 0.76 25.48
CA TYR B 185 1.48 1.12 26.84
C TYR B 185 2.46 2.20 27.29
N THR B 186 1.93 3.30 27.76
CA THR B 186 2.71 4.42 28.27
C THR B 186 1.82 5.05 29.33
N PRO B 187 2.42 5.70 30.34
CA PRO B 187 1.57 6.31 31.37
C PRO B 187 0.55 7.25 30.75
N MET B 188 0.88 7.79 29.58
CA MET B 188 -0.05 8.66 28.90
C MET B 188 -1.23 7.84 28.34
N THR B 189 -0.96 6.73 27.65
CA THR B 189 -2.07 5.92 27.15
C THR B 189 -2.77 5.32 28.36
N ALA B 190 -2.02 5.13 29.45
CA ALA B 190 -2.58 4.61 30.70
C ALA B 190 -3.68 5.56 31.17
N GLU B 191 -3.49 6.86 30.90
CA GLU B 191 -4.45 7.90 31.25
C GLU B 191 -5.71 7.84 30.37
N THR B 192 -5.61 7.14 29.26
CA THR B 192 -6.73 6.95 28.34
C THR B 192 -7.53 5.74 28.85
N GLY B 193 -6.96 5.02 29.82
CA GLY B 193 -7.61 3.84 30.35
C GLY B 193 -7.17 2.60 29.60
N ILE B 194 -6.11 2.72 28.81
CA ILE B 194 -5.56 1.59 28.05
C ILE B 194 -4.91 0.63 29.04
N ARG B 195 -5.33 -0.62 29.05
CA ARG B 195 -4.75 -1.62 29.97
C ARG B 195 -3.68 -2.48 29.32
N GLN B 196 -2.55 -2.64 29.99
CA GLN B 196 -1.49 -3.46 29.44
C GLN B 196 -1.71 -4.91 29.85
N GLY B 197 -1.53 -5.84 28.92
CA GLY B 197 -1.70 -7.24 29.26
C GLY B 197 -2.41 -8.11 28.24
N GLU B 198 -2.05 -9.39 28.21
CA GLU B 198 -2.68 -10.31 27.28
C GLU B 198 -4.16 -10.37 27.55
N GLY B 199 -4.93 -10.05 26.51
CA GLY B 199 -6.37 -10.07 26.63
C GLY B 199 -6.89 -8.66 26.80
N ASN B 200 -6.02 -7.75 27.22
CA ASN B 200 -6.41 -6.37 27.47
C ASN B 200 -6.61 -5.40 26.30
N TYR B 201 -6.40 -5.83 25.08
CA TYR B 201 -6.64 -4.94 23.95
C TYR B 201 -7.06 -5.77 22.74
N PRO B 202 -8.15 -6.52 22.90
CA PRO B 202 -8.78 -7.43 21.94
C PRO B 202 -8.87 -6.99 20.49
N ASN B 203 -8.88 -5.67 20.29
CA ASN B 203 -9.03 -5.06 18.95
C ASN B 203 -7.77 -4.90 18.12
N THR B 204 -6.77 -5.70 18.48
CA THR B 204 -5.49 -5.74 17.77
C THR B 204 -5.23 -7.24 17.71
N PRO B 205 -4.87 -7.78 16.55
CA PRO B 205 -4.62 -9.21 16.43
C PRO B 205 -3.91 -9.86 17.60
N MET B 206 -2.88 -9.24 18.12
CA MET B 206 -2.18 -9.86 19.24
C MET B 206 -2.91 -9.73 20.59
N GLY B 207 -4.13 -9.23 20.54
CA GLY B 207 -4.93 -9.08 21.75
C GLY B 207 -4.35 -8.18 22.80
N ARG B 208 -3.16 -7.65 22.59
CA ARG B 208 -2.56 -6.77 23.59
C ARG B 208 -1.87 -5.58 23.00
N VAL B 209 -1.72 -4.57 23.85
CA VAL B 209 -1.10 -3.31 23.54
C VAL B 209 0.41 -3.64 23.58
N GLY B 210 1.24 -2.85 22.91
CA GLY B 210 2.67 -3.10 22.89
C GLY B 210 3.41 -2.43 24.02
N GLU B 211 4.68 -2.74 24.16
CA GLU B 211 5.50 -2.16 25.21
C GLU B 211 6.46 -1.20 24.54
N PRO B 212 6.93 -0.19 25.27
CA PRO B 212 7.87 0.77 24.66
C PRO B 212 9.18 0.08 24.20
N GLY B 213 9.64 -0.90 24.97
CA GLY B 213 10.84 -1.61 24.60
C GLY B 213 10.66 -2.43 23.33
N GLU B 214 9.44 -2.83 23.06
CA GLU B 214 9.20 -3.60 21.86
C GLU B 214 9.38 -2.72 20.63
N ILE B 215 8.89 -1.49 20.66
CA ILE B 215 9.07 -0.61 19.51
C ILE B 215 10.53 -0.19 19.42
N ALA B 216 11.17 0.03 20.57
CA ALA B 216 12.57 0.45 20.66
C ALA B 216 13.53 -0.53 20.00
N GLY B 217 13.20 -1.81 20.02
CA GLY B 217 14.06 -2.80 19.41
C GLY B 217 14.20 -2.62 17.92
N ALA B 218 13.08 -2.41 17.24
CA ALA B 218 13.05 -2.17 15.80
C ALA B 218 13.76 -0.83 15.44
N VAL B 219 13.71 0.15 16.32
CA VAL B 219 14.43 1.40 16.04
C VAL B 219 15.94 1.10 15.96
N VAL B 220 16.43 0.32 16.93
CA VAL B 220 17.84 -0.03 16.99
C VAL B 220 18.29 -0.86 15.82
N LYS B 221 17.43 -1.74 15.34
CA LYS B 221 17.73 -2.60 14.20
C LYS B 221 18.08 -1.72 13.01
N LEU B 222 17.25 -0.73 12.77
CA LEU B 222 17.41 0.21 11.67
C LEU B 222 18.52 1.20 11.92
N LEU B 223 19.03 1.27 13.14
CA LEU B 223 20.14 2.17 13.42
C LEU B 223 21.40 1.37 13.14
N SER B 224 21.37 0.09 13.53
CA SER B 224 22.49 -0.80 13.33
C SER B 224 22.74 -1.00 11.82
N ASP B 225 23.92 -1.53 11.53
CA ASP B 225 24.37 -1.84 10.19
C ASP B 225 23.88 -3.19 9.68
N THR B 226 23.07 -3.86 10.49
CA THR B 226 22.49 -5.13 10.10
C THR B 226 21.40 -4.82 9.06
N SER B 227 21.00 -3.56 8.96
CA SER B 227 19.99 -3.14 7.98
C SER B 227 20.62 -2.15 6.99
N SER B 228 21.81 -2.53 6.49
CA SER B 228 22.60 -1.73 5.55
C SER B 228 22.10 -1.60 4.12
N TYR B 229 20.94 -2.17 3.82
CA TYR B 229 20.43 -2.03 2.46
C TYR B 229 18.91 -1.78 2.56
N VAL B 230 18.45 -1.34 3.75
CA VAL B 230 17.03 -1.05 4.00
C VAL B 230 16.80 0.47 3.91
N THR B 231 16.00 0.92 2.96
CA THR B 231 15.73 2.35 2.80
C THR B 231 14.42 2.57 2.08
N GLY B 232 13.67 3.56 2.54
CA GLY B 232 12.40 3.86 1.93
C GLY B 232 11.44 2.74 2.31
N ALA B 233 11.67 2.18 3.49
CA ALA B 233 10.87 1.09 4.01
C ALA B 233 10.02 1.55 5.21
N GLU B 234 8.95 0.80 5.44
CA GLU B 234 8.04 1.07 6.53
C GLU B 234 7.90 -0.19 7.36
N LEU B 235 8.15 -0.04 8.65
CA LEU B 235 8.07 -1.16 9.57
C LEU B 235 6.98 -0.94 10.59
N ALA B 236 5.99 -1.80 10.56
CA ALA B 236 4.87 -1.72 11.48
C ALA B 236 5.09 -2.58 12.74
N VAL B 237 5.01 -1.94 13.89
CA VAL B 237 5.18 -2.61 15.17
C VAL B 237 3.86 -2.33 15.92
N ASP B 238 2.84 -3.13 15.60
CA ASP B 238 1.51 -2.94 16.15
C ASP B 238 0.70 -4.20 16.46
N GLY B 239 1.36 -5.36 16.58
CA GLY B 239 0.66 -6.60 16.86
C GLY B 239 -0.43 -6.86 15.83
N GLY B 240 -0.20 -6.41 14.60
CA GLY B 240 -1.14 -6.61 13.51
C GLY B 240 -2.32 -5.68 13.41
N TRP B 241 -2.32 -4.59 14.16
CA TRP B 241 -3.42 -3.61 14.16
C TRP B 241 -3.77 -3.15 12.74
N THR B 242 -2.75 -2.85 11.94
CA THR B 242 -2.92 -2.34 10.56
C THR B 242 -2.92 -3.39 9.44
N THR B 243 -2.69 -4.64 9.80
CA THR B 243 -2.61 -5.71 8.81
C THR B 243 -4.00 -6.08 8.26
N GLY B 244 -4.97 -6.16 9.14
CA GLY B 244 -6.29 -6.53 8.71
C GLY B 244 -7.08 -6.56 9.99
N PRO B 245 -8.42 -6.63 9.89
CA PRO B 245 -9.28 -6.65 11.06
C PRO B 245 -9.26 -7.92 11.92
N THR B 246 -9.56 -7.71 13.19
CA THR B 246 -9.65 -8.79 14.18
C THR B 246 -10.75 -9.78 13.73
N VAL B 247 -10.52 -11.08 13.92
CA VAL B 247 -11.45 -12.13 13.53
C VAL B 247 -12.92 -11.84 13.94
N LYS B 248 -13.09 -11.47 15.21
CA LYS B 248 -14.40 -11.17 15.75
C LYS B 248 -15.07 -10.15 14.90
N TYR B 249 -14.32 -9.15 14.48
CA TYR B 249 -14.84 -8.06 13.65
C TYR B 249 -15.21 -8.54 12.25
N VAL B 250 -14.49 -9.52 11.75
CA VAL B 250 -14.78 -10.04 10.41
C VAL B 250 -16.13 -10.70 10.39
N MET B 251 -16.60 -11.11 11.58
CA MET B 251 -17.93 -11.71 11.71
C MET B 251 -18.92 -10.62 12.17
N GLY B 252 -18.79 -10.22 13.44
CA GLY B 252 -19.63 -9.20 14.06
C GLY B 252 -19.09 -9.01 15.47
N GLN B 253 -18.26 -7.98 15.65
CA GLN B 253 -17.64 -7.70 16.96
C GLN B 253 -18.41 -6.69 17.79
N ASN C 1 20.75 -6.35 19.35
CA ASN C 1 21.37 -7.72 19.31
C ASN C 1 20.33 -8.86 19.35
N ASP C 2 19.96 -9.35 18.18
CA ASP C 2 18.96 -10.41 18.05
C ASP C 2 19.56 -11.78 18.35
N LEU C 3 19.12 -12.41 19.43
CA LEU C 3 19.65 -13.70 19.85
C LEU C 3 18.69 -14.88 19.60
N SER C 4 19.17 -16.10 19.87
CA SER C 4 18.38 -17.31 19.70
C SER C 4 18.77 -18.47 20.69
N GLY C 5 17.94 -19.50 20.69
CA GLY C 5 18.11 -20.69 21.53
C GLY C 5 16.94 -21.59 21.15
N LYS C 6 16.47 -21.43 19.92
CA LYS C 6 15.32 -22.17 19.42
C LYS C 6 15.63 -22.85 18.12
N THR C 7 14.72 -23.70 17.72
CA THR C 7 14.92 -24.45 16.52
C THR C 7 14.02 -23.89 15.44
N VAL C 8 14.63 -23.56 14.31
CA VAL C 8 13.97 -23.01 13.13
C VAL C 8 14.32 -23.86 11.91
N ILE C 9 13.34 -24.06 11.03
CA ILE C 9 13.60 -24.84 9.82
C ILE C 9 13.71 -23.83 8.67
N ILE C 10 14.69 -24.02 7.80
CA ILE C 10 14.88 -23.09 6.70
C ILE C 10 14.70 -23.77 5.35
N THR C 11 13.53 -23.58 4.76
CA THR C 11 13.22 -24.20 3.49
C THR C 11 14.04 -23.51 2.39
N GLY C 12 14.46 -24.27 1.37
CA GLY C 12 15.29 -23.74 0.29
C GLY C 12 16.65 -23.36 0.84
N GLY C 13 17.15 -24.15 1.79
CA GLY C 13 18.42 -23.82 2.44
C GLY C 13 19.76 -24.32 1.93
N ALA C 14 19.78 -24.96 0.77
CA ALA C 14 21.01 -25.50 0.19
C ALA C 14 21.94 -24.38 -0.19
N ARG C 15 21.60 -23.71 -1.27
CA ARG C 15 22.40 -22.63 -1.79
C ARG C 15 21.82 -21.29 -1.36
N GLY C 16 22.39 -20.22 -1.91
CA GLY C 16 21.93 -18.85 -1.69
C GLY C 16 21.23 -18.39 -0.43
N LEU C 17 20.26 -17.49 -0.63
CA LEU C 17 19.50 -16.85 0.45
C LEU C 17 19.23 -17.74 1.60
N GLY C 18 18.70 -18.92 1.32
CA GLY C 18 18.40 -19.87 2.36
C GLY C 18 19.58 -20.27 3.23
N ALA C 19 20.69 -20.63 2.58
CA ALA C 19 21.88 -21.07 3.28
C ALA C 19 22.46 -20.03 4.19
N GLU C 20 22.48 -18.78 3.74
CA GLU C 20 23.04 -17.67 4.54
C GLU C 20 22.18 -17.36 5.75
N ALA C 21 20.85 -17.46 5.59
CA ALA C 21 19.90 -17.24 6.69
C ALA C 21 20.19 -18.32 7.73
N ALA C 22 20.43 -19.54 7.24
CA ALA C 22 20.77 -20.69 8.09
C ALA C 22 22.08 -20.43 8.84
N ARG C 23 23.04 -19.88 8.11
CA ARG C 23 24.34 -19.54 8.62
C ARG C 23 24.23 -18.52 9.74
N GLN C 24 23.62 -17.38 9.44
CA GLN C 24 23.44 -16.33 10.42
C GLN C 24 22.63 -16.77 11.60
N ALA C 25 21.63 -17.62 11.37
CA ALA C 25 20.80 -18.13 12.46
C ALA C 25 21.70 -18.84 13.47
N VAL C 26 22.51 -19.76 12.97
CA VAL C 26 23.38 -20.53 13.84
C VAL C 26 24.31 -19.66 14.66
N ALA C 27 24.90 -18.64 14.04
CA ALA C 27 25.82 -17.77 14.78
C ALA C 27 25.14 -16.98 15.91
N ALA C 28 23.82 -17.11 16.03
CA ALA C 28 23.05 -16.41 17.06
C ALA C 28 22.47 -17.41 18.04
N GLY C 29 22.76 -18.69 17.81
CA GLY C 29 22.30 -19.74 18.69
C GLY C 29 21.20 -20.71 18.23
N ALA C 30 20.46 -20.34 17.20
CA ALA C 30 19.37 -21.19 16.74
C ALA C 30 19.84 -22.55 16.29
N ARG C 31 18.94 -23.52 16.36
CA ARG C 31 19.24 -24.87 15.94
C ARG C 31 18.49 -24.93 14.63
N VAL C 32 19.21 -25.20 13.55
CA VAL C 32 18.60 -25.19 12.22
C VAL C 32 18.44 -26.50 11.45
N VAL C 33 17.31 -26.61 10.75
CA VAL C 33 17.04 -27.78 9.92
C VAL C 33 16.92 -27.30 8.45
N LEU C 34 18.01 -27.43 7.70
CA LEU C 34 18.03 -27.04 6.29
C LEU C 34 17.25 -28.05 5.50
N ALA C 35 16.10 -27.65 4.98
CA ALA C 35 15.29 -28.57 4.20
C ALA C 35 15.42 -28.13 2.74
N ASP C 36 15.45 -29.09 1.82
CA ASP C 36 15.63 -28.75 0.42
C ASP C 36 15.48 -29.98 -0.47
N VAL C 37 15.40 -29.72 -1.78
CA VAL C 37 15.31 -30.72 -2.80
C VAL C 37 16.76 -31.03 -3.21
N LEU C 38 17.61 -30.02 -3.16
CA LEU C 38 19.04 -30.15 -3.48
C LEU C 38 19.78 -30.87 -2.32
N ASP C 39 19.67 -32.20 -2.28
CA ASP C 39 20.28 -33.05 -1.25
C ASP C 39 21.79 -33.05 -1.11
N GLU C 40 22.52 -33.08 -2.21
CA GLU C 40 23.99 -33.09 -2.13
C GLU C 40 24.52 -31.84 -1.47
N GLU C 41 24.27 -30.69 -2.09
CA GLU C 41 24.67 -29.39 -1.58
C GLU C 41 24.12 -29.15 -0.17
N GLY C 42 22.80 -29.23 -0.03
CA GLY C 42 22.16 -29.01 1.25
C GLY C 42 22.78 -29.83 2.35
N ALA C 43 23.17 -31.05 2.03
CA ALA C 43 23.82 -31.91 3.01
C ALA C 43 25.20 -31.34 3.34
N ALA C 44 25.85 -30.75 2.34
CA ALA C 44 27.18 -30.19 2.54
C ALA C 44 27.11 -28.96 3.38
N THR C 45 26.11 -28.14 3.12
CA THR C 45 25.90 -26.89 3.84
C THR C 45 25.63 -27.17 5.31
N ALA C 46 24.87 -28.22 5.59
CA ALA C 46 24.61 -28.61 6.97
C ALA C 46 25.96 -29.03 7.56
N ARG C 47 26.74 -29.74 6.75
CA ARG C 47 28.07 -30.21 7.12
C ARG C 47 28.91 -29.00 7.52
N GLU C 48 28.89 -27.95 6.71
CA GLU C 48 29.64 -26.75 7.02
C GLU C 48 29.10 -25.97 8.22
N LEU C 49 27.85 -26.22 8.61
CA LEU C 49 27.23 -25.52 9.74
C LEU C 49 27.57 -26.09 11.12
N GLY C 50 27.62 -27.43 11.20
CA GLY C 50 27.95 -28.07 12.46
C GLY C 50 26.86 -28.94 13.04
N ASP C 51 26.89 -29.08 14.36
CA ASP C 51 25.93 -29.89 15.11
C ASP C 51 24.63 -29.14 15.27
N ALA C 52 24.71 -27.83 15.16
CA ALA C 52 23.54 -26.99 15.28
C ALA C 52 22.68 -27.10 14.03
N ALA C 53 23.14 -27.86 13.04
CA ALA C 53 22.40 -28.02 11.79
C ALA C 53 22.07 -29.44 11.30
N ARG C 54 20.82 -29.62 10.92
CA ARG C 54 20.37 -30.90 10.37
C ARG C 54 19.81 -30.61 8.98
N TYR C 55 20.05 -31.50 8.04
CA TYR C 55 19.52 -31.32 6.71
C TYR C 55 18.40 -32.33 6.55
N GLN C 56 17.43 -32.02 5.68
CA GLN C 56 16.27 -32.88 5.42
C GLN C 56 15.79 -32.66 4.01
N HIS C 57 15.65 -33.71 3.25
CA HIS C 57 15.15 -33.51 1.91
C HIS C 57 13.70 -33.10 2.07
N LEU C 58 13.27 -32.09 1.32
CA LEU C 58 11.88 -31.69 1.38
C LEU C 58 11.39 -31.01 0.11
N ASP C 59 10.49 -31.66 -0.59
CA ASP C 59 9.90 -31.02 -1.76
C ASP C 59 8.64 -30.34 -1.24
N VAL C 60 8.82 -29.06 -0.94
CA VAL C 60 7.82 -28.16 -0.41
C VAL C 60 6.36 -28.27 -0.91
N THR C 61 6.14 -28.90 -2.04
CA THR C 61 4.78 -29.03 -2.54
C THR C 61 4.20 -30.37 -2.11
N ILE C 62 4.92 -31.09 -1.25
CA ILE C 62 4.47 -32.40 -0.80
C ILE C 62 4.12 -32.37 0.67
N GLU C 63 2.83 -32.39 0.95
CA GLU C 63 2.33 -32.35 2.31
C GLU C 63 3.03 -33.38 3.20
N GLU C 64 3.22 -34.58 2.66
CA GLU C 64 3.84 -35.64 3.43
C GLU C 64 5.21 -35.22 3.94
N ASP C 65 5.98 -34.58 3.08
CA ASP C 65 7.33 -34.16 3.42
C ASP C 65 7.37 -33.19 4.57
N TRP C 66 6.59 -32.13 4.45
CA TRP C 66 6.53 -31.10 5.47
C TRP C 66 6.25 -31.74 6.81
N GLN C 67 5.29 -32.65 6.81
CA GLN C 67 4.87 -33.36 8.01
C GLN C 67 6.05 -34.16 8.56
N ARG C 68 6.89 -34.64 7.66
CA ARG C 68 8.05 -35.42 8.06
C ARG C 68 9.13 -34.54 8.63
N VAL C 69 9.61 -33.53 7.90
CA VAL C 69 10.67 -32.65 8.46
C VAL C 69 10.28 -31.84 9.72
N VAL C 70 9.00 -31.55 9.86
CA VAL C 70 8.53 -30.84 11.05
C VAL C 70 8.65 -31.85 12.21
N ALA C 71 8.11 -33.05 11.98
CA ALA C 71 8.14 -34.14 12.95
C ALA C 71 9.57 -34.37 13.37
N TYR C 72 10.44 -34.47 12.37
CA TYR C 72 11.86 -34.65 12.59
C TYR C 72 12.42 -33.56 13.52
N ALA C 73 12.17 -32.28 13.22
CA ALA C 73 12.68 -31.18 14.06
C ALA C 73 12.16 -31.31 15.49
N ARG C 74 10.90 -31.71 15.58
CA ARG C 74 10.20 -31.92 16.83
C ARG C 74 10.97 -32.96 17.61
N GLU C 75 11.14 -34.15 17.04
CA GLU C 75 11.86 -35.24 17.70
C GLU C 75 13.32 -34.88 17.86
N GLU C 76 13.97 -34.67 16.73
CA GLU C 76 15.37 -34.32 16.66
C GLU C 76 15.79 -33.17 17.55
N PHE C 77 14.95 -32.14 17.66
CA PHE C 77 15.32 -30.97 18.45
C PHE C 77 14.35 -30.52 19.56
N GLY C 78 13.32 -31.29 19.84
CA GLY C 78 12.41 -30.88 20.90
C GLY C 78 11.40 -29.78 20.59
N SER C 79 11.50 -29.10 19.45
CA SER C 79 10.51 -28.06 19.13
C SER C 79 10.69 -27.48 17.75
N VAL C 80 9.75 -26.60 17.38
CA VAL C 80 9.79 -25.87 16.14
C VAL C 80 9.40 -24.48 16.63
N ASP C 81 10.29 -23.51 16.44
CA ASP C 81 10.05 -22.13 16.88
C ASP C 81 10.15 -21.09 15.80
N GLY C 82 10.66 -21.49 14.66
CA GLY C 82 10.81 -20.58 13.55
C GLY C 82 10.73 -21.36 12.27
N LEU C 83 10.17 -20.73 11.25
CA LEU C 83 10.05 -21.36 9.96
C LEU C 83 10.30 -20.27 8.98
N VAL C 84 11.33 -20.43 8.16
CA VAL C 84 11.68 -19.45 7.16
C VAL C 84 11.35 -20.12 5.83
N ASN C 85 10.29 -19.63 5.20
CA ASN C 85 9.82 -20.14 3.92
C ASN C 85 10.57 -19.44 2.80
N ASN C 86 11.66 -20.04 2.30
CA ASN C 86 12.49 -19.47 1.24
C ASN C 86 12.58 -20.25 -0.08
N ALA C 87 12.17 -21.52 -0.07
CA ALA C 87 12.25 -22.35 -1.27
C ALA C 87 11.37 -22.00 -2.46
N GLY C 88 11.86 -21.20 -3.37
CA GLY C 88 11.04 -20.88 -4.53
C GLY C 88 11.77 -21.09 -5.84
N ILE C 89 11.15 -20.67 -6.92
CA ILE C 89 11.76 -20.77 -8.24
C ILE C 89 11.46 -19.40 -8.83
N SER C 90 11.87 -19.13 -10.07
CA SER C 90 11.62 -17.81 -10.63
C SER C 90 11.19 -17.81 -12.06
N THR C 91 10.47 -16.76 -12.40
CA THR C 91 9.92 -16.56 -13.73
C THR C 91 10.64 -15.37 -14.37
N GLY C 92 11.21 -15.59 -15.56
CA GLY C 92 11.91 -14.54 -16.24
C GLY C 92 11.43 -14.27 -17.64
N MET C 93 10.11 -14.25 -17.82
CA MET C 93 9.55 -13.99 -19.12
C MET C 93 8.25 -13.17 -19.08
N PHE C 94 7.85 -12.64 -20.23
CA PHE C 94 6.62 -11.86 -20.35
C PHE C 94 5.37 -12.75 -20.20
N LEU C 95 4.38 -12.24 -19.47
CA LEU C 95 3.11 -12.92 -19.23
C LEU C 95 2.48 -13.59 -20.47
N GLU C 96 2.37 -12.90 -21.59
CA GLU C 96 1.76 -13.53 -22.77
C GLU C 96 2.60 -14.66 -23.34
N THR C 97 3.88 -14.64 -23.03
CA THR C 97 4.81 -15.67 -23.49
C THR C 97 4.76 -16.93 -22.64
N GLU C 98 4.52 -16.76 -21.34
CA GLU C 98 4.50 -17.91 -20.45
C GLU C 98 3.38 -18.93 -20.71
N SER C 99 3.70 -20.19 -20.43
CA SER C 99 2.79 -21.33 -20.59
C SER C 99 2.01 -21.56 -19.30
N VAL C 100 0.74 -21.92 -19.40
CA VAL C 100 0.00 -22.21 -18.18
C VAL C 100 0.71 -23.37 -17.45
N GLU C 101 1.49 -24.17 -18.20
CA GLU C 101 2.25 -25.26 -17.59
C GLU C 101 3.29 -24.73 -16.61
N ARG C 102 4.03 -23.69 -17.00
CA ARG C 102 5.02 -23.17 -16.05
C ARG C 102 4.37 -22.38 -14.95
N PHE C 103 3.31 -21.64 -15.28
CA PHE C 103 2.58 -20.82 -14.30
C PHE C 103 2.12 -21.71 -13.14
N ARG C 104 1.51 -22.81 -13.49
CA ARG C 104 1.03 -23.71 -12.46
C ARG C 104 2.19 -24.17 -11.59
N LYS C 105 3.31 -24.51 -12.23
CA LYS C 105 4.49 -25.00 -11.53
C LYS C 105 5.06 -23.95 -10.55
N VAL C 106 5.27 -22.73 -11.03
CA VAL C 106 5.80 -21.64 -10.19
C VAL C 106 4.89 -21.37 -9.00
N VAL C 107 3.60 -21.18 -9.26
CA VAL C 107 2.62 -20.93 -8.21
C VAL C 107 2.63 -22.05 -7.19
N GLU C 108 2.54 -23.27 -7.67
CA GLU C 108 2.56 -24.46 -6.81
C GLU C 108 3.73 -24.47 -5.81
N ILE C 109 4.93 -24.14 -6.26
CA ILE C 109 6.09 -24.13 -5.36
C ILE C 109 6.17 -22.82 -4.52
N ASN C 110 6.09 -21.69 -5.22
CA ASN C 110 6.19 -20.35 -4.65
C ASN C 110 5.02 -19.93 -3.75
N LEU C 111 3.84 -20.48 -4.01
CA LEU C 111 2.64 -20.11 -3.25
C LEU C 111 2.04 -21.24 -2.40
N THR C 112 1.44 -22.21 -3.08
CA THR C 112 0.82 -23.33 -2.39
C THR C 112 1.83 -23.88 -1.41
N GLY C 113 3.06 -23.96 -1.88
CA GLY C 113 4.16 -24.46 -1.07
C GLY C 113 4.19 -23.83 0.29
N VAL C 114 4.38 -22.52 0.35
CA VAL C 114 4.44 -21.88 1.66
C VAL C 114 3.14 -22.15 2.45
N PHE C 115 2.00 -22.26 1.76
CA PHE C 115 0.77 -22.54 2.47
C PHE C 115 0.97 -23.82 3.26
N ILE C 116 1.43 -24.88 2.60
CA ILE C 116 1.61 -26.14 3.31
C ILE C 116 2.56 -26.02 4.48
N GLY C 117 3.68 -25.34 4.27
CA GLY C 117 4.60 -25.19 5.36
C GLY C 117 3.93 -24.63 6.60
N MET C 118 3.11 -23.61 6.35
CA MET C 118 2.34 -22.91 7.37
C MET C 118 1.26 -23.77 8.05
N LYS C 119 0.43 -24.41 7.25
CA LYS C 119 -0.65 -25.27 7.75
C LYS C 119 -0.13 -26.43 8.60
N THR C 120 1.11 -26.82 8.34
CA THR C 120 1.79 -27.94 9.01
C THR C 120 2.52 -27.61 10.32
N VAL C 121 3.28 -26.54 10.30
CA VAL C 121 4.02 -26.12 11.49
C VAL C 121 3.15 -25.38 12.55
N ILE C 122 1.94 -24.93 12.17
CA ILE C 122 1.09 -24.19 13.11
C ILE C 122 0.86 -24.89 14.44
N PRO C 123 0.50 -26.18 14.42
CA PRO C 123 0.29 -26.89 15.70
C PRO C 123 1.65 -27.06 16.41
N ALA C 124 2.68 -27.34 15.62
CA ALA C 124 4.01 -27.52 16.17
C ALA C 124 4.35 -26.31 17.05
N MET C 125 4.04 -25.11 16.55
CA MET C 125 4.31 -23.88 17.27
C MET C 125 3.23 -23.51 18.32
N LYS C 126 2.04 -24.07 18.21
CA LYS C 126 1.01 -23.82 19.22
C LYS C 126 1.52 -24.52 20.47
N ASP C 127 2.06 -25.73 20.25
CA ASP C 127 2.60 -26.56 21.31
C ASP C 127 3.76 -25.87 22.00
N ALA C 128 4.50 -25.04 21.25
CA ALA C 128 5.65 -24.32 21.78
C ALA C 128 5.28 -22.98 22.45
N GLY C 129 4.02 -22.58 22.38
CA GLY C 129 3.61 -21.32 22.98
C GLY C 129 4.16 -20.13 22.21
N GLY C 130 3.96 -20.16 20.89
CA GLY C 130 4.44 -19.07 20.05
C GLY C 130 5.55 -19.44 19.09
N GLY C 131 5.66 -18.64 18.04
CA GLY C 131 6.68 -18.86 17.04
C GLY C 131 6.82 -17.65 16.12
N SER C 132 7.53 -17.86 15.02
CA SER C 132 7.77 -16.83 14.03
C SER C 132 7.92 -17.48 12.68
N ILE C 133 7.04 -17.09 11.77
CA ILE C 133 7.04 -17.60 10.42
C ILE C 133 7.44 -16.43 9.55
N VAL C 134 8.56 -16.59 8.84
CA VAL C 134 9.06 -15.57 7.95
C VAL C 134 9.01 -16.12 6.54
N ASN C 135 8.03 -15.62 5.79
CA ASN C 135 7.81 -16.00 4.41
C ASN C 135 8.63 -15.02 3.61
N ILE C 136 9.59 -15.53 2.84
CA ILE C 136 10.44 -14.68 2.02
C ILE C 136 9.72 -14.42 0.71
N SER C 137 9.15 -13.23 0.57
CA SER C 137 8.49 -12.87 -0.67
C SER C 137 9.59 -12.15 -1.51
N SER C 138 9.22 -11.21 -2.38
CA SER C 138 10.20 -10.53 -3.22
C SER C 138 9.74 -9.11 -3.51
N ALA C 139 10.56 -8.36 -4.27
CA ALA C 139 10.21 -6.98 -4.65
C ALA C 139 8.98 -7.07 -5.58
N ALA C 140 8.88 -8.21 -6.26
CA ALA C 140 7.78 -8.54 -7.16
C ALA C 140 6.45 -8.62 -6.43
N GLY C 141 6.49 -8.80 -5.12
CA GLY C 141 5.27 -8.83 -4.32
C GLY C 141 4.85 -7.46 -3.83
N LEU C 142 5.75 -6.46 -3.97
CA LEU C 142 5.48 -5.08 -3.55
C LEU C 142 5.08 -4.10 -4.65
N MET C 143 5.24 -4.48 -5.91
CA MET C 143 4.89 -3.59 -6.99
C MET C 143 4.73 -4.47 -8.20
N GLY C 144 4.43 -3.84 -9.33
CA GLY C 144 4.27 -4.57 -10.56
C GLY C 144 5.61 -4.69 -11.28
N LEU C 145 6.26 -5.85 -11.20
CA LEU C 145 7.54 -6.02 -11.89
C LEU C 145 7.42 -6.72 -13.23
N ALA C 146 7.80 -6.04 -14.30
CA ALA C 146 7.75 -6.63 -15.62
C ALA C 146 8.61 -7.90 -15.59
N LEU C 147 8.23 -8.89 -16.38
CA LEU C 147 8.97 -10.16 -16.51
C LEU C 147 8.89 -11.17 -15.35
N THR C 148 8.07 -10.91 -14.35
CA THR C 148 7.96 -11.84 -13.23
C THR C 148 6.73 -12.76 -13.26
N SER C 149 5.78 -12.45 -14.12
CA SER C 149 4.53 -13.23 -14.24
C SER C 149 4.14 -14.09 -13.03
N SER C 150 4.17 -15.41 -13.17
CA SER C 150 3.82 -16.34 -12.10
C SER C 150 4.61 -16.13 -10.80
N TYR C 151 5.88 -15.77 -10.92
CA TYR C 151 6.74 -15.52 -9.79
C TYR C 151 6.17 -14.33 -9.04
N GLY C 152 5.81 -13.29 -9.78
CA GLY C 152 5.21 -12.13 -9.15
C GLY C 152 3.82 -12.44 -8.59
N ALA C 153 2.92 -12.96 -9.40
CA ALA C 153 1.57 -13.29 -8.93
C ALA C 153 1.65 -14.09 -7.63
N SER C 154 2.56 -15.05 -7.61
CA SER C 154 2.69 -15.86 -6.42
C SER C 154 3.34 -15.11 -5.27
N LYS C 155 4.15 -14.09 -5.56
CA LYS C 155 4.78 -13.33 -4.49
C LYS C 155 3.82 -12.34 -3.83
N TRP C 156 2.78 -11.91 -4.57
CA TRP C 156 1.72 -11.05 -4.01
C TRP C 156 0.87 -11.98 -3.16
N GLY C 157 0.59 -13.18 -3.68
CA GLY C 157 -0.16 -14.18 -2.94
C GLY C 157 0.52 -14.45 -1.63
N VAL C 158 1.83 -14.62 -1.67
CA VAL C 158 2.57 -14.86 -0.45
C VAL C 158 2.55 -13.65 0.52
N ARG C 159 2.56 -12.42 0.01
CA ARG C 159 2.50 -11.24 0.88
C ARG C 159 1.14 -11.25 1.60
N GLY C 160 0.07 -11.48 0.84
CA GLY C 160 -1.27 -11.52 1.37
C GLY C 160 -1.54 -12.63 2.34
N LEU C 161 -1.09 -13.84 1.99
CA LEU C 161 -1.28 -15.02 2.84
C LEU C 161 -0.54 -14.82 4.17
N SER C 162 0.49 -13.97 4.17
CA SER C 162 1.22 -13.69 5.41
C SER C 162 0.32 -12.86 6.30
N LYS C 163 -0.45 -11.97 5.70
CA LYS C 163 -1.29 -11.08 6.47
C LYS C 163 -2.51 -11.70 7.10
N LEU C 164 -3.23 -12.52 6.35
CA LEU C 164 -4.44 -13.14 6.90
C LEU C 164 -4.08 -14.16 7.99
N ALA C 165 -2.89 -14.77 7.85
CA ALA C 165 -2.38 -15.73 8.81
C ALA C 165 -2.06 -15.02 10.14
N ALA C 166 -1.40 -13.87 10.05
CA ALA C 166 -1.06 -13.09 11.23
C ALA C 166 -2.29 -12.74 12.08
N VAL C 167 -3.41 -12.37 11.43
CA VAL C 167 -4.59 -12.00 12.20
C VAL C 167 -5.24 -13.18 12.91
N GLU C 168 -5.13 -14.36 12.31
CA GLU C 168 -5.70 -15.57 12.90
C GLU C 168 -4.85 -16.13 14.06
N LEU C 169 -3.53 -16.13 13.91
CA LEU C 169 -2.61 -16.66 14.92
C LEU C 169 -2.08 -15.70 15.97
N GLY C 170 -2.49 -14.44 15.96
CA GLY C 170 -1.98 -13.51 16.94
C GLY C 170 -2.12 -14.00 18.36
N THR C 171 -3.33 -14.41 18.71
CA THR C 171 -3.65 -14.89 20.05
C THR C 171 -2.85 -16.09 20.43
N ASP C 172 -2.33 -16.80 19.43
CA ASP C 172 -1.54 -17.99 19.67
C ASP C 172 -0.07 -17.69 19.79
N ARG C 173 0.24 -16.40 19.79
CA ARG C 173 1.59 -15.90 19.87
C ARG C 173 2.44 -16.27 18.66
N ILE C 174 1.80 -16.65 17.56
CA ILE C 174 2.51 -16.99 16.32
C ILE C 174 2.54 -15.74 15.45
N ARG C 175 3.75 -15.39 14.97
CA ARG C 175 3.94 -14.18 14.19
C ARG C 175 4.34 -14.37 12.76
N VAL C 176 3.47 -13.99 11.84
CA VAL C 176 3.75 -14.09 10.41
C VAL C 176 4.00 -12.69 9.82
N ASN C 177 5.15 -12.53 9.17
CA ASN C 177 5.57 -11.28 8.53
C ASN C 177 6.21 -11.68 7.22
N SER C 178 6.40 -10.74 6.31
CA SER C 178 7.05 -11.04 5.04
C SER C 178 8.28 -10.20 4.78
N VAL C 179 9.33 -10.83 4.27
CA VAL C 179 10.56 -10.12 3.91
C VAL C 179 10.55 -10.03 2.37
N HIS C 180 10.82 -8.85 1.85
CA HIS C 180 10.83 -8.61 0.42
C HIS C 180 12.18 -8.03 0.01
N PRO C 181 13.10 -8.90 -0.40
CA PRO C 181 14.44 -8.49 -0.83
C PRO C 181 14.41 -7.97 -2.28
N GLY C 182 15.35 -7.09 -2.61
CA GLY C 182 15.38 -6.55 -3.95
C GLY C 182 16.31 -7.32 -4.89
N MET C 183 17.28 -6.63 -5.47
CA MET C 183 18.25 -7.25 -6.37
C MET C 183 19.42 -7.74 -5.54
N THR C 184 19.59 -9.05 -5.46
CA THR C 184 20.67 -9.66 -4.69
C THR C 184 21.72 -10.17 -5.68
N TYR C 185 23.00 -10.14 -5.29
CA TYR C 185 24.06 -10.64 -6.17
C TYR C 185 24.21 -12.13 -5.86
N THR C 186 24.01 -12.95 -6.88
CA THR C 186 24.09 -14.40 -6.77
C THR C 186 24.75 -14.83 -8.07
N PRO C 187 25.56 -15.92 -8.08
CA PRO C 187 26.21 -16.35 -9.32
C PRO C 187 25.22 -16.44 -10.48
N MET C 188 23.94 -16.67 -10.17
CA MET C 188 22.95 -16.70 -11.24
C MET C 188 22.81 -15.27 -11.75
N THR C 189 22.50 -14.33 -10.86
CA THR C 189 22.35 -12.93 -11.24
C THR C 189 23.60 -12.50 -11.96
N ALA C 190 24.75 -12.97 -11.47
CA ALA C 190 26.06 -12.68 -12.05
C ALA C 190 26.00 -13.06 -13.53
N GLU C 191 25.52 -14.28 -13.76
CA GLU C 191 25.35 -14.85 -15.09
C GLU C 191 24.35 -14.01 -15.87
N THR C 192 23.22 -13.69 -15.24
CA THR C 192 22.20 -12.90 -15.91
C THR C 192 22.68 -11.47 -16.20
N GLY C 193 23.97 -11.20 -15.96
CA GLY C 193 24.53 -9.89 -16.22
C GLY C 193 24.70 -8.97 -15.03
N ILE C 194 24.21 -9.38 -13.86
CA ILE C 194 24.29 -8.57 -12.64
C ILE C 194 25.67 -8.40 -12.02
N ARG C 195 26.13 -7.15 -11.96
CA ARG C 195 27.43 -6.82 -11.38
C ARG C 195 27.23 -6.47 -9.89
N GLN C 196 28.13 -6.95 -9.05
CA GLN C 196 28.06 -6.65 -7.61
C GLN C 196 28.90 -5.42 -7.33
N GLY C 197 28.44 -4.60 -6.40
CA GLY C 197 29.21 -3.42 -6.03
C GLY C 197 28.52 -2.09 -6.25
N GLU C 198 29.23 -1.05 -5.79
CA GLU C 198 28.82 0.35 -5.85
C GLU C 198 28.63 0.87 -7.27
N GLY C 199 27.56 1.61 -7.48
CA GLY C 199 27.25 2.18 -8.78
C GLY C 199 27.05 1.10 -9.84
N ASN C 200 27.07 -0.16 -9.42
CA ASN C 200 26.91 -1.30 -10.33
C ASN C 200 25.49 -1.74 -10.61
N TYR C 201 24.55 -1.05 -9.97
CA TYR C 201 23.13 -1.30 -10.21
C TYR C 201 22.44 0.04 -10.01
N PRO C 202 22.66 0.94 -10.95
CA PRO C 202 22.09 2.29 -10.94
C PRO C 202 20.59 2.38 -10.86
N ASN C 203 19.87 1.37 -11.33
CA ASN C 203 18.40 1.42 -11.29
C ASN C 203 17.71 1.15 -9.95
N THR C 204 18.39 1.45 -8.84
CA THR C 204 17.86 1.30 -7.48
C THR C 204 18.48 2.47 -6.74
N PRO C 205 17.68 3.26 -6.01
CA PRO C 205 18.15 4.41 -5.25
C PRO C 205 19.53 4.32 -4.67
N MET C 206 19.82 3.20 -3.99
CA MET C 206 21.15 2.96 -3.39
C MET C 206 22.30 2.68 -4.38
N GLY C 207 21.96 2.48 -5.66
CA GLY C 207 22.94 2.25 -6.73
C GLY C 207 23.74 0.96 -6.80
N ARG C 208 23.24 -0.11 -6.18
CA ARG C 208 23.93 -1.42 -6.17
C ARG C 208 22.93 -2.49 -5.80
N VAL C 209 23.30 -3.75 -6.06
CA VAL C 209 22.47 -4.89 -5.71
C VAL C 209 22.96 -5.26 -4.31
N GLY C 210 22.13 -5.93 -3.53
CA GLY C 210 22.51 -6.30 -2.19
C GLY C 210 23.21 -7.64 -2.04
N GLU C 211 24.02 -7.73 -1.01
CA GLU C 211 24.74 -8.95 -0.71
C GLU C 211 23.75 -9.83 -0.01
N PRO C 212 23.79 -11.13 -0.31
CA PRO C 212 22.86 -12.08 0.31
C PRO C 212 22.86 -12.02 1.83
N GLY C 213 23.97 -11.58 2.41
CA GLY C 213 24.06 -11.51 3.88
C GLY C 213 23.28 -10.36 4.46
N GLU C 214 22.94 -9.39 3.61
CA GLU C 214 22.20 -8.21 3.99
C GLU C 214 20.70 -8.48 4.19
N ILE C 215 20.21 -9.54 3.54
CA ILE C 215 18.80 -9.93 3.65
C ILE C 215 18.68 -10.76 4.90
N ALA C 216 19.59 -11.74 5.02
CA ALA C 216 19.64 -12.68 6.14
C ALA C 216 19.56 -11.96 7.47
N GLY C 217 20.18 -10.80 7.56
CA GLY C 217 20.12 -10.07 8.80
C GLY C 217 18.69 -9.78 9.18
N ALA C 218 17.88 -9.38 8.20
CA ALA C 218 16.49 -9.05 8.43
C ALA C 218 15.65 -10.29 8.78
N VAL C 219 15.98 -11.45 8.23
CA VAL C 219 15.26 -12.67 8.54
C VAL C 219 15.53 -13.07 9.97
N VAL C 220 16.78 -13.10 10.35
CA VAL C 220 17.10 -13.44 11.73
C VAL C 220 16.36 -12.53 12.74
N LYS C 221 16.29 -11.22 12.47
CA LYS C 221 15.64 -10.28 13.38
C LYS C 221 14.16 -10.56 13.62
N LEU C 222 13.40 -10.87 12.57
CA LEU C 222 11.98 -11.16 12.75
C LEU C 222 11.80 -12.50 13.44
N LEU C 223 12.79 -13.39 13.32
CA LEU C 223 12.75 -14.72 13.99
C LEU C 223 12.95 -14.55 15.51
N SER C 224 13.64 -13.48 15.90
CA SER C 224 13.95 -13.21 17.30
C SER C 224 12.83 -12.52 18.09
N ASP C 225 12.96 -12.58 19.41
CA ASP C 225 11.97 -11.99 20.28
C ASP C 225 12.16 -10.49 20.36
N THR C 226 13.15 -9.99 19.64
CA THR C 226 13.42 -8.56 19.61
C THR C 226 12.27 -7.91 18.88
N SER C 227 11.50 -8.73 18.19
CA SER C 227 10.37 -8.27 17.39
C SER C 227 9.07 -8.91 17.82
N SER C 228 8.97 -9.23 19.12
CA SER C 228 7.76 -9.89 19.62
C SER C 228 6.39 -9.23 19.32
N TYR C 229 6.37 -7.91 19.13
CA TYR C 229 5.13 -7.20 18.83
C TYR C 229 4.97 -6.90 17.32
N VAL C 230 5.64 -7.70 16.49
CA VAL C 230 5.62 -7.50 15.05
C VAL C 230 4.90 -8.60 14.28
N THR C 231 3.69 -8.31 13.82
CA THR C 231 2.95 -9.29 13.00
C THR C 231 2.21 -8.67 11.82
N GLY C 232 2.03 -9.49 10.78
CA GLY C 232 1.36 -9.02 9.58
C GLY C 232 2.14 -7.90 8.96
N ALA C 233 3.44 -7.86 9.24
CA ALA C 233 4.31 -6.83 8.68
C ALA C 233 4.93 -7.27 7.36
N GLU C 234 5.55 -6.33 6.67
CA GLU C 234 6.22 -6.57 5.40
C GLU C 234 7.47 -5.70 5.39
N LEU C 235 8.63 -6.35 5.49
CA LEU C 235 9.90 -5.62 5.46
C LEU C 235 10.55 -5.73 4.09
N ALA C 236 10.99 -4.60 3.56
CA ALA C 236 11.66 -4.63 2.29
C ALA C 236 13.15 -4.27 2.47
N VAL C 237 14.03 -5.15 2.00
CA VAL C 237 15.49 -4.97 2.10
C VAL C 237 15.92 -4.91 0.61
N ASP C 238 15.95 -3.70 0.03
CA ASP C 238 16.23 -3.52 -1.40
C ASP C 238 16.88 -2.19 -1.84
N GLY C 239 17.59 -1.55 -0.92
CA GLY C 239 18.24 -0.30 -1.25
C GLY C 239 17.37 0.68 -2.00
N GLY C 240 16.10 0.79 -1.60
CA GLY C 240 15.18 1.74 -2.21
C GLY C 240 14.43 1.40 -3.47
N TRP C 241 14.69 0.23 -4.06
CA TRP C 241 14.04 -0.19 -5.30
C TRP C 241 12.53 0.02 -5.38
N THR C 242 11.88 -0.52 -4.38
CA THR C 242 10.46 -0.52 -4.29
C THR C 242 9.79 0.75 -3.79
N THR C 243 10.58 1.73 -3.34
CA THR C 243 9.96 2.93 -2.78
C THR C 243 9.55 3.96 -3.81
N GLY C 244 10.32 4.06 -4.88
CA GLY C 244 9.96 5.01 -5.90
C GLY C 244 11.01 5.02 -6.97
N PRO C 245 10.74 5.70 -8.09
CA PRO C 245 11.66 5.80 -9.21
C PRO C 245 12.90 6.58 -8.85
N THR C 246 14.00 6.21 -9.48
CA THR C 246 15.31 6.81 -9.32
C THR C 246 15.26 8.27 -9.85
N VAL C 247 16.07 9.17 -9.28
CA VAL C 247 16.10 10.58 -9.69
C VAL C 247 16.16 10.77 -11.19
N LYS C 248 17.12 10.10 -11.83
CA LYS C 248 17.33 10.17 -13.27
C LYS C 248 16.04 9.88 -13.98
N TYR C 249 15.38 8.81 -13.54
CA TYR C 249 14.11 8.39 -14.10
C TYR C 249 13.07 9.46 -13.85
N VAL C 250 13.12 10.09 -12.67
CA VAL C 250 12.14 11.12 -12.34
C VAL C 250 12.36 12.27 -13.31
N MET C 251 13.59 12.44 -13.75
CA MET C 251 13.94 13.51 -14.67
C MET C 251 13.87 13.09 -16.15
N GLY C 252 13.92 11.78 -16.41
CA GLY C 252 13.89 11.26 -17.77
C GLY C 252 15.30 11.13 -18.31
N GLN C 253 15.83 12.27 -18.74
CA GLN C 253 17.18 12.44 -19.30
C GLN C 253 17.44 11.73 -20.64
N ASN D 1 -22.42 5.53 -17.65
CA ASN D 1 -22.76 6.98 -17.75
C ASN D 1 -22.77 7.59 -16.34
N ASP D 2 -22.58 8.90 -16.26
CA ASP D 2 -22.53 9.58 -14.96
C ASP D 2 -23.26 10.91 -14.96
N LEU D 3 -24.44 10.94 -14.34
CA LEU D 3 -25.24 12.17 -14.26
C LEU D 3 -25.04 12.87 -12.92
N SER D 4 -24.98 14.19 -12.93
CA SER D 4 -24.78 14.96 -11.73
C SER D 4 -25.77 16.12 -11.61
N GLY D 5 -27.03 15.83 -11.28
CA GLY D 5 -28.01 16.90 -11.12
C GLY D 5 -27.87 17.54 -9.75
N LYS D 6 -26.64 17.94 -9.39
CA LYS D 6 -26.36 18.54 -8.08
C LYS D 6 -25.44 19.76 -8.13
N THR D 7 -25.08 20.27 -6.96
CA THR D 7 -24.24 21.45 -6.86
C THR D 7 -22.93 21.08 -6.14
N VAL D 8 -21.81 21.34 -6.83
CA VAL D 8 -20.47 21.01 -6.33
C VAL D 8 -19.49 22.19 -6.41
N ILE D 9 -18.63 22.34 -5.41
CA ILE D 9 -17.65 23.42 -5.47
C ILE D 9 -16.24 22.91 -5.87
N ILE D 10 -15.58 23.67 -6.74
CA ILE D 10 -14.26 23.31 -7.23
C ILE D 10 -13.23 24.35 -6.89
N THR D 11 -12.26 23.96 -6.08
CA THR D 11 -11.19 24.86 -5.70
C THR D 11 -10.10 24.76 -6.75
N GLY D 12 -9.35 25.85 -6.94
CA GLY D 12 -8.31 25.88 -7.94
C GLY D 12 -8.98 25.83 -9.31
N GLY D 13 -10.26 26.27 -9.34
CA GLY D 13 -11.08 26.25 -10.54
C GLY D 13 -10.72 27.15 -11.71
N ALA D 14 -9.96 28.22 -11.46
CA ALA D 14 -9.56 29.15 -12.52
C ALA D 14 -8.85 28.53 -13.72
N ARG D 15 -8.11 27.45 -13.49
CA ARG D 15 -7.38 26.85 -14.59
C ARG D 15 -7.00 25.41 -14.31
N GLY D 16 -6.33 24.84 -15.31
CA GLY D 16 -5.85 23.48 -15.22
C GLY D 16 -6.92 22.44 -15.05
N LEU D 17 -6.63 21.48 -14.18
CA LEU D 17 -7.52 20.38 -13.87
C LEU D 17 -8.81 20.94 -13.32
N GLY D 18 -8.70 21.81 -12.32
CA GLY D 18 -9.88 22.41 -11.71
C GLY D 18 -10.91 22.82 -12.72
N ALA D 19 -10.47 23.55 -13.76
CA ALA D 19 -11.31 24.02 -14.84
C ALA D 19 -11.90 22.93 -15.71
N GLU D 20 -11.05 21.99 -16.14
CA GLU D 20 -11.52 20.89 -16.98
C GLU D 20 -12.56 20.03 -16.25
N ALA D 21 -12.50 20.03 -14.91
CA ALA D 21 -13.46 19.27 -14.10
C ALA D 21 -14.78 20.04 -14.10
N ALA D 22 -14.66 21.36 -13.99
CA ALA D 22 -15.79 22.27 -13.99
C ALA D 22 -16.58 22.09 -15.26
N ARG D 23 -15.89 22.13 -16.39
CA ARG D 23 -16.55 21.94 -17.67
C ARG D 23 -17.30 20.60 -17.70
N GLN D 24 -16.61 19.50 -17.40
CA GLN D 24 -17.26 18.20 -17.42
C GLN D 24 -18.41 18.04 -16.40
N ALA D 25 -18.25 18.65 -15.23
CA ALA D 25 -19.30 18.59 -14.21
C ALA D 25 -20.51 19.35 -14.76
N VAL D 26 -20.33 20.63 -15.14
CA VAL D 26 -21.40 21.42 -15.73
C VAL D 26 -22.02 20.61 -16.91
N ALA D 27 -21.19 19.92 -17.68
CA ALA D 27 -21.72 19.09 -18.78
C ALA D 27 -22.55 17.94 -18.23
N ALA D 28 -22.17 17.40 -17.06
CA ALA D 28 -22.91 16.31 -16.42
C ALA D 28 -24.18 16.86 -15.80
N GLY D 29 -24.41 18.17 -15.91
CA GLY D 29 -25.61 18.76 -15.38
C GLY D 29 -25.49 19.37 -14.01
N ALA D 30 -24.24 19.45 -13.53
CA ALA D 30 -23.96 20.02 -12.23
C ALA D 30 -23.98 21.54 -12.25
N ARG D 31 -24.27 22.12 -11.08
CA ARG D 31 -24.23 23.55 -10.89
C ARG D 31 -22.91 23.64 -10.15
N VAL D 32 -22.05 24.51 -10.65
CA VAL D 32 -20.70 24.68 -10.14
C VAL D 32 -20.33 26.03 -9.53
N VAL D 33 -19.53 25.99 -8.47
CA VAL D 33 -19.01 27.19 -7.82
C VAL D 33 -17.49 27.05 -7.95
N LEU D 34 -16.91 27.78 -8.88
CA LEU D 34 -15.47 27.76 -9.05
C LEU D 34 -14.92 28.69 -7.97
N ALA D 35 -13.75 28.35 -7.44
CA ALA D 35 -13.15 29.15 -6.39
C ALA D 35 -11.66 29.20 -6.67
N ASP D 36 -11.01 30.32 -6.34
CA ASP D 36 -9.58 30.45 -6.60
C ASP D 36 -9.07 31.82 -6.11
N VAL D 37 -7.78 32.07 -6.28
CA VAL D 37 -7.17 33.35 -5.96
C VAL D 37 -7.09 34.15 -7.28
N LEU D 38 -6.93 33.46 -8.40
CA LEU D 38 -6.86 34.09 -9.70
C LEU D 38 -8.25 34.55 -10.14
N ASP D 39 -8.70 35.67 -9.57
CA ASP D 39 -10.04 36.20 -9.85
C ASP D 39 -10.29 36.56 -11.28
N GLU D 40 -9.23 37.00 -11.94
CA GLU D 40 -9.29 37.42 -13.32
C GLU D 40 -9.65 36.26 -14.23
N GLU D 41 -8.79 35.25 -14.23
CA GLU D 41 -9.00 34.07 -15.07
C GLU D 41 -10.20 33.27 -14.61
N GLY D 42 -10.39 33.20 -13.29
CA GLY D 42 -11.50 32.48 -12.71
C GLY D 42 -12.86 32.95 -13.22
N ALA D 43 -13.03 34.28 -13.25
CA ALA D 43 -14.26 34.89 -13.73
C ALA D 43 -14.52 34.49 -15.17
N ALA D 44 -13.55 34.78 -16.03
CA ALA D 44 -13.63 34.45 -17.43
C ALA D 44 -14.17 33.04 -17.67
N THR D 45 -13.52 32.05 -17.05
CA THR D 45 -13.88 30.63 -17.12
C THR D 45 -15.35 30.37 -16.73
N ALA D 46 -15.72 30.83 -15.54
CA ALA D 46 -17.08 30.64 -15.06
C ALA D 46 -18.01 31.15 -16.15
N ARG D 47 -17.72 32.33 -16.67
CA ARG D 47 -18.52 32.93 -17.72
C ARG D 47 -18.64 31.99 -18.91
N GLU D 48 -17.50 31.54 -19.41
CA GLU D 48 -17.47 30.66 -20.55
C GLU D 48 -18.18 29.33 -20.28
N LEU D 49 -18.43 29.02 -19.01
CA LEU D 49 -19.10 27.78 -18.63
C LEU D 49 -20.61 27.98 -18.62
N GLY D 50 -21.05 29.21 -18.38
CA GLY D 50 -22.48 29.48 -18.39
C GLY D 50 -23.16 29.93 -17.12
N ASP D 51 -24.48 29.86 -17.14
CA ASP D 51 -25.26 30.27 -15.97
C ASP D 51 -25.26 29.17 -14.90
N ALA D 52 -24.50 28.10 -15.15
CA ALA D 52 -24.42 27.02 -14.18
C ALA D 52 -23.09 27.17 -13.44
N ALA D 53 -22.37 28.25 -13.74
CA ALA D 53 -21.09 28.49 -13.13
C ALA D 53 -21.05 29.81 -12.38
N ARG D 54 -20.39 29.80 -11.22
CA ARG D 54 -20.21 30.98 -10.40
C ARG D 54 -18.76 30.97 -10.01
N TYR D 55 -18.14 32.14 -9.91
CA TYR D 55 -16.76 32.21 -9.48
C TYR D 55 -16.72 32.92 -8.13
N GLN D 56 -16.06 32.29 -7.16
CA GLN D 56 -15.95 32.84 -5.82
C GLN D 56 -14.49 32.93 -5.48
N HIS D 57 -14.08 34.07 -4.94
CA HIS D 57 -12.68 34.20 -4.55
C HIS D 57 -12.59 33.42 -3.26
N LEU D 58 -11.53 32.64 -3.16
CA LEU D 58 -11.30 31.82 -2.00
C LEU D 58 -9.81 31.51 -1.89
N ASP D 59 -9.19 32.02 -0.83
CA ASP D 59 -7.82 31.68 -0.60
C ASP D 59 -8.05 30.44 0.29
N VAL D 60 -7.54 29.31 -0.18
CA VAL D 60 -7.67 28.00 0.45
C VAL D 60 -7.15 27.88 1.93
N THR D 61 -6.25 28.77 2.31
CA THR D 61 -5.67 28.76 3.65
C THR D 61 -6.43 29.64 4.67
N ILE D 62 -7.53 30.27 4.23
CA ILE D 62 -8.31 31.15 5.10
C ILE D 62 -9.69 30.58 5.38
N GLU D 63 -9.98 30.31 6.66
CA GLU D 63 -11.28 29.73 7.02
C GLU D 63 -12.45 30.63 6.63
N GLU D 64 -12.35 31.92 6.91
CA GLU D 64 -13.41 32.87 6.58
C GLU D 64 -13.81 32.75 5.12
N ASP D 65 -12.81 32.64 4.25
CA ASP D 65 -13.03 32.50 2.83
C ASP D 65 -13.86 31.29 2.53
N TRP D 66 -13.56 30.17 3.20
CA TRP D 66 -14.29 28.90 3.01
C TRP D 66 -15.71 29.09 3.53
N GLN D 67 -15.80 29.57 4.76
CA GLN D 67 -17.06 29.79 5.42
C GLN D 67 -17.97 30.62 4.53
N ARG D 68 -17.37 31.61 3.90
CA ARG D 68 -18.05 32.52 2.99
C ARG D 68 -18.52 31.81 1.71
N VAL D 69 -17.60 31.21 0.97
CA VAL D 69 -17.94 30.54 -0.29
C VAL D 69 -18.92 29.37 -0.16
N VAL D 70 -18.79 28.56 0.89
CA VAL D 70 -19.72 27.43 1.05
C VAL D 70 -21.10 28.00 1.32
N ALA D 71 -21.16 29.07 2.11
CA ALA D 71 -22.43 29.75 2.44
C ALA D 71 -23.05 30.26 1.16
N TYR D 72 -22.27 31.01 0.39
CA TYR D 72 -22.74 31.57 -0.87
C TYR D 72 -23.31 30.44 -1.73
N ALA D 73 -22.65 29.27 -1.72
CA ALA D 73 -23.05 28.09 -2.50
C ALA D 73 -24.40 27.53 -2.05
N ARG D 74 -24.62 27.56 -0.74
CA ARG D 74 -25.87 27.10 -0.16
C ARG D 74 -27.02 28.06 -0.57
N GLU D 75 -26.80 29.36 -0.39
CA GLU D 75 -27.79 30.39 -0.74
C GLU D 75 -28.09 30.25 -2.22
N GLU D 76 -27.08 30.55 -3.02
CA GLU D 76 -27.19 30.50 -4.47
C GLU D 76 -27.77 29.26 -5.13
N PHE D 77 -27.32 28.07 -4.72
CA PHE D 77 -27.78 26.82 -5.33
C PHE D 77 -28.53 25.89 -4.40
N GLY D 78 -28.79 26.37 -3.20
CA GLY D 78 -29.55 25.58 -2.25
C GLY D 78 -28.87 24.40 -1.58
N SER D 79 -27.64 24.09 -1.95
CA SER D 79 -26.93 22.97 -1.32
C SER D 79 -25.46 22.83 -1.74
N VAL D 80 -24.74 22.00 -0.99
CA VAL D 80 -23.36 21.68 -1.30
C VAL D 80 -23.36 20.16 -1.32
N ASP D 81 -23.26 19.62 -2.52
CA ASP D 81 -23.27 18.20 -2.72
C ASP D 81 -21.93 17.58 -3.09
N GLY D 82 -20.94 18.42 -3.41
CA GLY D 82 -19.64 17.90 -3.73
C GLY D 82 -18.51 18.91 -3.48
N LEU D 83 -17.30 18.40 -3.29
CA LEU D 83 -16.16 19.27 -3.11
C LEU D 83 -14.98 18.58 -3.78
N VAL D 84 -14.34 19.30 -4.70
CA VAL D 84 -13.14 18.78 -5.39
C VAL D 84 -12.05 19.71 -4.89
N ASN D 85 -11.18 19.19 -4.04
CA ASN D 85 -10.09 19.97 -3.46
C ASN D 85 -8.90 19.86 -4.37
N ASN D 86 -8.85 20.78 -5.35
CA ASN D 86 -7.84 20.88 -6.41
C ASN D 86 -6.77 21.97 -6.32
N ALA D 87 -7.03 23.00 -5.53
CA ALA D 87 -6.07 24.10 -5.39
C ALA D 87 -4.79 23.63 -4.74
N GLY D 88 -3.65 24.10 -5.23
CA GLY D 88 -2.40 23.70 -4.62
C GLY D 88 -1.25 24.27 -5.40
N ILE D 89 -0.03 23.98 -4.93
CA ILE D 89 1.19 24.42 -5.61
C ILE D 89 2.20 23.26 -5.55
N SER D 90 3.11 23.21 -6.52
CA SER D 90 4.11 22.14 -6.63
C SER D 90 5.50 22.40 -6.04
N THR D 91 6.41 21.47 -6.31
CA THR D 91 7.78 21.55 -5.85
C THR D 91 8.71 20.78 -6.77
N GLY D 92 9.86 21.38 -7.03
CA GLY D 92 10.85 20.77 -7.89
C GLY D 92 12.24 21.03 -7.35
N MET D 93 12.61 20.29 -6.31
CA MET D 93 13.91 20.44 -5.70
C MET D 93 14.24 19.40 -4.65
N PHE D 94 15.53 19.28 -4.36
CA PHE D 94 15.98 18.34 -3.36
C PHE D 94 15.55 18.85 -1.98
N LEU D 95 15.13 17.91 -1.15
CA LEU D 95 14.68 18.16 0.20
C LEU D 95 15.65 19.11 0.90
N GLU D 96 16.90 18.68 1.06
CA GLU D 96 17.91 19.48 1.74
C GLU D 96 18.14 20.86 1.14
N THR D 97 17.50 21.09 0.00
CA THR D 97 17.61 22.33 -0.74
C THR D 97 16.51 23.35 -0.44
N GLU D 98 15.30 22.82 -0.18
CA GLU D 98 14.08 23.59 0.09
C GLU D 98 14.08 24.21 1.47
N SER D 99 13.64 25.47 1.55
CA SER D 99 13.62 26.22 2.81
C SER D 99 12.48 25.84 3.71
N VAL D 100 12.64 26.06 5.01
CA VAL D 100 11.57 25.76 5.96
C VAL D 100 10.33 26.64 5.71
N GLU D 101 10.54 27.94 5.52
CA GLU D 101 9.42 28.84 5.24
C GLU D 101 8.66 28.39 3.98
N ARG D 102 9.37 27.85 2.99
CA ARG D 102 8.73 27.38 1.77
C ARG D 102 7.99 26.09 2.01
N PHE D 103 8.61 25.21 2.80
CA PHE D 103 7.99 23.96 3.12
C PHE D 103 6.65 24.32 3.73
N ARG D 104 6.68 25.17 4.75
CA ARG D 104 5.46 25.61 5.41
C ARG D 104 4.45 26.12 4.38
N LYS D 105 4.85 27.13 3.62
CA LYS D 105 4.01 27.74 2.61
C LYS D 105 3.20 26.67 1.86
N VAL D 106 3.92 25.70 1.29
CA VAL D 106 3.35 24.60 0.51
C VAL D 106 2.42 23.60 1.25
N VAL D 107 2.80 23.26 2.48
CA VAL D 107 2.00 22.34 3.28
C VAL D 107 0.64 23.01 3.56
N GLU D 108 0.74 24.26 4.00
CA GLU D 108 -0.41 25.07 4.35
C GLU D 108 -1.49 24.99 3.30
N ILE D 109 -1.10 25.19 2.07
CA ILE D 109 -2.02 25.17 0.97
C ILE D 109 -2.52 23.76 0.59
N ASN D 110 -1.61 22.88 0.17
CA ASN D 110 -1.96 21.53 -0.25
C ASN D 110 -2.58 20.67 0.86
N LEU D 111 -2.07 20.72 2.09
CA LEU D 111 -2.66 19.93 3.15
C LEU D 111 -3.66 20.73 3.97
N THR D 112 -3.17 21.72 4.70
CA THR D 112 -4.06 22.53 5.53
C THR D 112 -5.24 23.12 4.73
N GLY D 113 -4.97 23.46 3.47
CA GLY D 113 -6.01 24.01 2.62
C GLY D 113 -7.14 23.00 2.46
N VAL D 114 -6.82 21.73 2.20
CA VAL D 114 -7.87 20.72 2.04
C VAL D 114 -8.62 20.43 3.39
N PHE D 115 -7.92 20.48 4.52
CA PHE D 115 -8.55 20.28 5.82
C PHE D 115 -9.67 21.29 6.09
N ILE D 116 -9.36 22.58 5.99
CA ILE D 116 -10.34 23.64 6.23
C ILE D 116 -11.45 23.45 5.21
N GLY D 117 -11.08 22.97 4.02
CA GLY D 117 -12.08 22.71 3.01
C GLY D 117 -13.13 21.74 3.50
N MET D 118 -12.67 20.56 3.91
CA MET D 118 -13.50 19.48 4.41
C MET D 118 -14.31 19.89 5.64
N LYS D 119 -13.59 20.35 6.67
CA LYS D 119 -14.19 20.80 7.91
C LYS D 119 -15.37 21.74 7.62
N THR D 120 -15.09 22.86 6.96
CA THR D 120 -16.14 23.82 6.62
C THR D 120 -17.33 23.16 5.92
N VAL D 121 -17.06 22.41 4.84
CA VAL D 121 -18.10 21.76 4.04
C VAL D 121 -18.86 20.58 4.62
N ILE D 122 -18.36 19.98 5.68
CA ILE D 122 -19.06 18.83 6.25
C ILE D 122 -20.51 19.09 6.70
N PRO D 123 -20.76 20.16 7.49
CA PRO D 123 -22.12 20.44 7.95
C PRO D 123 -23.11 20.61 6.81
N ALA D 124 -22.67 21.26 5.75
CA ALA D 124 -23.55 21.48 4.62
C ALA D 124 -24.00 20.17 4.01
N MET D 125 -23.09 19.19 4.00
CA MET D 125 -23.38 17.87 3.45
C MET D 125 -24.28 17.01 4.34
N LYS D 126 -24.09 17.11 5.66
CA LYS D 126 -24.95 16.38 6.56
C LYS D 126 -26.36 16.90 6.33
N ASP D 127 -26.45 18.21 6.21
CA ASP D 127 -27.69 18.95 5.96
C ASP D 127 -28.47 18.39 4.76
N ALA D 128 -27.73 18.05 3.71
CA ALA D 128 -28.23 17.50 2.44
C ALA D 128 -28.47 16.00 2.46
N GLY D 129 -27.88 15.33 3.42
CA GLY D 129 -28.07 13.89 3.52
C GLY D 129 -26.99 13.12 2.82
N GLY D 130 -25.88 13.79 2.53
CA GLY D 130 -24.78 13.13 1.87
C GLY D 130 -24.01 14.04 0.93
N GLY D 131 -22.85 13.56 0.51
CA GLY D 131 -22.01 14.32 -0.40
C GLY D 131 -20.80 13.49 -0.79
N SER D 132 -20.00 14.06 -1.68
CA SER D 132 -18.81 13.43 -2.19
C SER D 132 -17.63 14.41 -2.25
N ILE D 133 -16.64 14.17 -1.41
CA ILE D 133 -15.44 14.99 -1.40
C ILE D 133 -14.35 14.25 -2.18
N VAL D 134 -13.83 14.92 -3.21
CA VAL D 134 -12.78 14.34 -4.03
C VAL D 134 -11.57 15.20 -3.79
N ASN D 135 -10.61 14.57 -3.11
CA ASN D 135 -9.36 15.17 -2.78
C ASN D 135 -8.38 14.77 -3.88
N ILE D 136 -8.01 15.73 -4.71
CA ILE D 136 -7.08 15.53 -5.80
C ILE D 136 -5.69 15.48 -5.17
N SER D 137 -5.11 14.29 -5.12
CA SER D 137 -3.77 14.14 -4.58
C SER D 137 -2.79 14.13 -5.76
N SER D 138 -1.83 13.22 -5.77
CA SER D 138 -0.87 13.18 -6.86
C SER D 138 -0.18 11.85 -6.81
N ALA D 139 0.56 11.51 -7.86
CA ALA D 139 1.32 10.25 -7.94
C ALA D 139 2.39 10.31 -6.85
N ALA D 140 2.74 11.56 -6.53
CA ALA D 140 3.70 11.90 -5.50
C ALA D 140 3.19 11.47 -4.11
N GLY D 141 1.89 11.21 -4.00
CA GLY D 141 1.31 10.78 -2.74
C GLY D 141 1.16 9.28 -2.66
N LEU D 142 1.59 8.60 -3.72
CA LEU D 142 1.50 7.13 -3.78
C LEU D 142 2.85 6.41 -3.70
N MET D 143 3.94 7.16 -3.79
CA MET D 143 5.28 6.59 -3.76
C MET D 143 6.28 7.70 -3.54
N GLY D 144 7.54 7.30 -3.37
CA GLY D 144 8.60 8.27 -3.19
C GLY D 144 9.04 8.89 -4.52
N LEU D 145 8.63 10.13 -4.77
CA LEU D 145 9.02 10.85 -5.98
C LEU D 145 10.08 11.88 -5.60
N ALA D 146 11.25 11.80 -6.21
CA ALA D 146 12.34 12.71 -5.89
C ALA D 146 12.03 14.11 -6.37
N LEU D 147 12.47 15.09 -5.59
CA LEU D 147 12.26 16.50 -5.91
C LEU D 147 10.90 17.11 -5.52
N THR D 148 9.99 16.33 -4.96
CA THR D 148 8.67 16.87 -4.60
C THR D 148 8.66 17.50 -3.23
N SER D 149 9.62 17.12 -2.39
CA SER D 149 9.74 17.65 -1.02
C SER D 149 8.45 18.00 -0.26
N SER D 150 8.12 19.28 -0.14
CA SER D 150 6.93 19.74 0.58
C SER D 150 5.67 19.34 -0.11
N TYR D 151 5.74 19.20 -1.44
CA TYR D 151 4.61 18.79 -2.25
C TYR D 151 4.34 17.30 -1.98
N GLY D 152 5.41 16.52 -1.86
CA GLY D 152 5.28 15.09 -1.60
C GLY D 152 4.79 14.76 -0.20
N ALA D 153 5.28 15.50 0.78
CA ALA D 153 4.84 15.29 2.15
C ALA D 153 3.36 15.64 2.24
N SER D 154 2.93 16.70 1.58
CA SER D 154 1.54 17.15 1.63
C SER D 154 0.51 16.29 0.87
N LYS D 155 0.90 15.75 -0.29
CA LYS D 155 0.05 14.88 -1.09
C LYS D 155 -0.14 13.47 -0.46
N TRP D 156 0.80 13.09 0.40
CA TRP D 156 0.74 11.84 1.15
C TRP D 156 -0.20 12.12 2.33
N GLY D 157 -0.03 13.29 2.97
CA GLY D 157 -0.87 13.72 4.07
C GLY D 157 -2.33 13.78 3.64
N VAL D 158 -2.56 14.30 2.43
CA VAL D 158 -3.91 14.38 1.88
C VAL D 158 -4.47 12.99 1.62
N ARG D 159 -3.62 12.03 1.21
CA ARG D 159 -4.08 10.66 0.99
C ARG D 159 -4.71 10.06 2.27
N GLY D 160 -4.05 10.27 3.40
CA GLY D 160 -4.55 9.75 4.66
C GLY D 160 -5.62 10.57 5.35
N LEU D 161 -5.72 11.84 5.00
CA LEU D 161 -6.73 12.70 5.59
C LEU D 161 -8.05 12.20 5.03
N SER D 162 -8.05 11.92 3.74
CA SER D 162 -9.23 11.43 3.07
C SER D 162 -9.70 10.09 3.65
N LYS D 163 -8.77 9.17 3.93
CA LYS D 163 -9.16 7.85 4.47
C LYS D 163 -9.77 7.86 5.88
N LEU D 164 -9.25 8.71 6.77
CA LEU D 164 -9.76 8.84 8.12
C LEU D 164 -11.14 9.53 8.13
N ALA D 165 -11.32 10.52 7.25
CA ALA D 165 -12.57 11.24 7.14
C ALA D 165 -13.67 10.30 6.69
N ALA D 166 -13.31 9.42 5.78
CA ALA D 166 -14.24 8.43 5.24
C ALA D 166 -14.69 7.41 6.26
N VAL D 167 -13.84 7.08 7.24
CA VAL D 167 -14.24 6.10 8.26
C VAL D 167 -15.24 6.78 9.22
N GLU D 168 -14.95 8.04 9.57
CA GLU D 168 -15.75 8.85 10.47
C GLU D 168 -17.06 9.38 9.87
N LEU D 169 -17.09 9.64 8.57
CA LEU D 169 -18.29 10.16 7.94
C LEU D 169 -19.01 9.14 7.11
N GLY D 170 -18.80 7.87 7.39
CA GLY D 170 -19.45 6.81 6.61
C GLY D 170 -20.95 6.82 6.68
N THR D 171 -21.49 6.68 7.89
CA THR D 171 -22.94 6.67 8.07
C THR D 171 -23.61 8.01 7.81
N ASP D 172 -22.83 9.05 7.59
CA ASP D 172 -23.40 10.35 7.32
C ASP D 172 -23.64 10.48 5.83
N ARG D 173 -23.24 9.44 5.13
CA ARG D 173 -23.38 9.31 3.69
C ARG D 173 -22.52 10.29 2.91
N ILE D 174 -21.42 10.72 3.54
CA ILE D 174 -20.45 11.61 2.91
C ILE D 174 -19.20 10.79 2.52
N ARG D 175 -18.97 10.69 1.22
CA ARG D 175 -17.86 9.91 0.70
C ARG D 175 -16.61 10.75 0.54
N VAL D 176 -15.44 10.15 0.77
CA VAL D 176 -14.16 10.87 0.66
C VAL D 176 -13.11 10.04 -0.07
N ASN D 177 -12.79 10.40 -1.30
CA ASN D 177 -11.77 9.63 -2.03
C ASN D 177 -10.63 10.48 -2.53
N SER D 178 -9.51 9.85 -2.86
CA SER D 178 -8.37 10.59 -3.38
C SER D 178 -7.99 10.21 -4.81
N VAL D 179 -7.96 11.20 -5.69
CA VAL D 179 -7.57 10.99 -7.08
C VAL D 179 -6.08 11.32 -7.09
N HIS D 180 -5.31 10.50 -7.79
CA HIS D 180 -3.87 10.69 -7.85
C HIS D 180 -3.44 10.67 -9.29
N PRO D 181 -3.37 11.86 -9.90
CA PRO D 181 -2.96 12.00 -11.29
C PRO D 181 -1.44 11.97 -11.32
N GLY D 182 -0.88 11.53 -12.44
CA GLY D 182 0.57 11.50 -12.58
C GLY D 182 1.02 12.68 -13.44
N MET D 183 1.83 12.38 -14.45
CA MET D 183 2.34 13.39 -15.36
C MET D 183 1.18 13.87 -16.25
N THR D 184 1.01 15.17 -16.40
CA THR D 184 -0.10 15.67 -17.20
C THR D 184 0.39 16.72 -18.17
N TYR D 185 -0.26 16.80 -19.34
CA TYR D 185 0.12 17.81 -20.31
C TYR D 185 -0.53 19.12 -19.88
N THR D 186 0.31 20.08 -19.54
CA THR D 186 -0.13 21.35 -19.08
C THR D 186 0.98 22.31 -19.49
N PRO D 187 0.64 23.53 -19.95
CA PRO D 187 1.68 24.49 -20.37
C PRO D 187 2.75 24.68 -19.32
N MET D 188 2.45 24.37 -18.07
CA MET D 188 3.47 24.47 -17.03
C MET D 188 4.51 23.41 -17.40
N THR D 189 4.05 22.15 -17.49
CA THR D 189 4.90 21.01 -17.86
C THR D 189 5.48 21.23 -19.25
N ALA D 190 4.73 21.93 -20.09
CA ALA D 190 5.13 22.22 -21.46
C ALA D 190 6.35 23.14 -21.50
N GLU D 191 6.39 24.10 -20.59
CA GLU D 191 7.52 25.00 -20.52
C GLU D 191 8.73 24.19 -20.12
N THR D 192 8.42 23.08 -19.46
CA THR D 192 9.43 22.15 -18.97
C THR D 192 9.87 21.21 -20.09
N GLY D 193 9.30 21.39 -21.29
CA GLY D 193 9.68 20.55 -22.41
C GLY D 193 8.87 19.27 -22.54
N ILE D 194 7.85 19.14 -21.69
CA ILE D 194 6.97 17.98 -21.69
C ILE D 194 6.05 18.06 -22.90
N ARG D 195 6.21 17.10 -23.81
CA ARG D 195 5.40 17.06 -25.02
C ARG D 195 4.26 16.11 -24.82
N GLN D 196 3.09 16.54 -25.26
CA GLN D 196 1.89 15.73 -25.23
C GLN D 196 2.08 14.75 -26.39
N GLY D 197 1.35 13.65 -26.41
CA GLY D 197 1.52 12.74 -27.52
C GLY D 197 2.11 11.40 -27.17
N GLU D 198 1.65 10.38 -27.88
CA GLU D 198 2.08 9.02 -27.66
C GLU D 198 3.56 8.88 -27.96
N GLY D 199 4.25 8.09 -27.14
CA GLY D 199 5.68 7.87 -27.29
C GLY D 199 6.51 8.93 -26.60
N ASN D 200 5.93 10.11 -26.42
CA ASN D 200 6.65 11.22 -25.80
C ASN D 200 6.96 11.12 -24.32
N TYR D 201 6.60 10.00 -23.70
CA TYR D 201 6.95 9.79 -22.30
C TYR D 201 7.39 8.35 -22.03
N PRO D 202 8.68 8.08 -22.21
CA PRO D 202 9.30 6.77 -22.01
C PRO D 202 9.10 6.18 -20.61
N ASN D 203 9.38 6.99 -19.60
CA ASN D 203 9.27 6.57 -18.20
C ASN D 203 7.90 6.34 -17.56
N THR D 204 6.89 5.94 -18.33
CA THR D 204 5.55 5.66 -17.83
C THR D 204 5.09 4.49 -18.69
N PRO D 205 4.59 3.41 -18.07
CA PRO D 205 4.13 2.25 -18.83
C PRO D 205 3.35 2.56 -20.09
N MET D 206 2.44 3.53 -20.03
CA MET D 206 1.66 3.89 -21.22
C MET D 206 2.37 4.66 -22.34
N GLY D 207 3.65 4.97 -22.09
CA GLY D 207 4.49 5.67 -23.04
C GLY D 207 4.10 7.09 -23.40
N ARG D 208 3.39 7.79 -22.51
CA ARG D 208 2.94 9.16 -22.78
C ARG D 208 2.38 9.82 -21.53
N VAL D 209 2.27 11.14 -21.62
CA VAL D 209 1.73 11.98 -20.55
C VAL D 209 0.19 12.08 -20.71
N GLY D 210 -0.53 12.35 -19.62
CA GLY D 210 -1.98 12.39 -19.72
C GLY D 210 -2.58 13.76 -19.94
N GLU D 211 -3.83 13.80 -20.40
CA GLU D 211 -4.50 15.07 -20.65
C GLU D 211 -5.38 15.33 -19.45
N PRO D 212 -5.61 16.61 -19.11
CA PRO D 212 -6.44 17.04 -17.99
C PRO D 212 -7.83 16.37 -17.97
N GLY D 213 -8.47 16.26 -19.14
CA GLY D 213 -9.77 15.61 -19.24
C GLY D 213 -9.77 14.12 -18.90
N GLU D 214 -8.62 13.48 -19.03
CA GLU D 214 -8.50 12.08 -18.69
C GLU D 214 -8.65 11.95 -17.17
N ILE D 215 -8.18 12.97 -16.46
CA ILE D 215 -8.23 13.06 -15.02
C ILE D 215 -9.55 13.66 -14.56
N ALA D 216 -10.09 14.58 -15.36
CA ALA D 216 -11.38 15.24 -15.10
C ALA D 216 -12.50 14.21 -15.13
N GLY D 217 -12.31 13.19 -15.96
CA GLY D 217 -13.28 12.11 -16.10
C GLY D 217 -13.43 11.25 -14.86
N ALA D 218 -12.36 11.08 -14.09
CA ALA D 218 -12.41 10.28 -12.87
C ALA D 218 -13.09 11.08 -11.75
N VAL D 219 -12.94 12.40 -11.80
CA VAL D 219 -13.54 13.26 -10.78
C VAL D 219 -15.07 13.16 -10.84
N VAL D 220 -15.60 13.31 -12.04
CA VAL D 220 -17.04 13.23 -12.23
C VAL D 220 -17.58 11.88 -11.75
N LYS D 221 -16.79 10.82 -11.94
CA LYS D 221 -17.20 9.49 -11.53
C LYS D 221 -17.40 9.42 -10.01
N LEU D 222 -16.40 9.88 -9.27
CA LEU D 222 -16.50 9.86 -7.82
C LEU D 222 -17.59 10.80 -7.30
N LEU D 223 -17.74 11.94 -7.95
CA LEU D 223 -18.74 12.91 -7.58
C LEU D 223 -20.14 12.36 -7.81
N SER D 224 -20.33 11.53 -8.84
CA SER D 224 -21.63 10.98 -9.15
C SER D 224 -22.09 9.82 -8.26
N ASP D 225 -23.41 9.64 -8.19
CA ASP D 225 -24.00 8.56 -7.38
C ASP D 225 -23.59 7.16 -7.86
N THR D 226 -22.99 7.11 -9.05
CA THR D 226 -22.53 5.85 -9.64
C THR D 226 -21.45 5.19 -8.77
N SER D 227 -20.85 5.98 -7.90
CA SER D 227 -19.83 5.50 -7.01
C SER D 227 -20.32 5.63 -5.58
N SER D 228 -21.59 5.28 -5.38
CA SER D 228 -22.21 5.39 -4.06
C SER D 228 -21.58 4.52 -3.00
N TYR D 229 -20.85 3.49 -3.40
CA TYR D 229 -20.21 2.62 -2.41
C TYR D 229 -18.70 2.85 -2.29
N VAL D 230 -18.14 3.79 -3.04
CA VAL D 230 -16.71 4.07 -2.97
C VAL D 230 -16.45 5.14 -1.87
N THR D 231 -15.58 4.80 -0.93
CA THR D 231 -15.24 5.69 0.16
C THR D 231 -13.90 5.27 0.68
N GLY D 232 -13.00 6.22 0.86
CA GLY D 232 -11.70 5.86 1.38
C GLY D 232 -10.84 5.16 0.36
N ALA D 233 -11.15 5.38 -0.90
CA ALA D 233 -10.38 4.79 -1.98
C ALA D 233 -9.36 5.79 -2.48
N GLU D 234 -8.51 5.33 -3.38
CA GLU D 234 -7.50 6.15 -4.04
C GLU D 234 -7.54 5.71 -5.51
N LEU D 235 -7.55 6.67 -6.40
CA LEU D 235 -7.59 6.35 -7.81
C LEU D 235 -6.45 7.08 -8.48
N ALA D 236 -5.60 6.30 -9.11
CA ALA D 236 -4.45 6.79 -9.83
C ALA D 236 -4.74 6.88 -11.33
N VAL D 237 -4.65 8.08 -11.85
CA VAL D 237 -4.87 8.30 -13.26
C VAL D 237 -3.45 8.72 -13.64
N ASP D 238 -2.63 7.74 -14.05
CA ASP D 238 -1.25 8.04 -14.36
C ASP D 238 -0.52 7.17 -15.39
N GLY D 239 -1.24 6.47 -16.23
CA GLY D 239 -0.60 5.66 -17.24
C GLY D 239 0.34 4.60 -16.70
N GLY D 240 0.05 4.14 -15.49
CA GLY D 240 0.83 3.09 -14.85
C GLY D 240 2.12 3.54 -14.25
N TRP D 241 2.27 4.84 -14.02
CA TRP D 241 3.51 5.38 -13.47
C TRP D 241 3.84 4.87 -12.08
N THR D 242 2.79 4.59 -11.33
CA THR D 242 2.88 4.17 -9.95
C THR D 242 2.94 2.68 -9.72
N THR D 243 2.49 1.92 -10.71
CA THR D 243 2.49 0.46 -10.64
C THR D 243 3.81 0.00 -11.21
N GLY D 244 4.82 -0.15 -10.38
CA GLY D 244 6.11 -0.63 -10.89
C GLY D 244 6.84 0.13 -12.01
N PRO D 245 8.19 -0.07 -12.07
CA PRO D 245 9.06 0.56 -13.05
C PRO D 245 8.81 0.09 -14.45
N THR D 246 9.26 0.90 -15.38
CA THR D 246 9.11 0.60 -16.79
C THR D 246 10.01 -0.56 -17.13
N VAL D 247 9.56 -1.46 -18.02
CA VAL D 247 10.35 -2.64 -18.45
C VAL D 247 11.83 -2.32 -18.69
N LYS D 248 12.08 -1.25 -19.45
CA LYS D 248 13.44 -0.82 -19.76
C LYS D 248 14.27 -0.65 -18.50
N TYR D 249 13.67 -0.05 -17.48
CA TYR D 249 14.30 0.21 -16.19
C TYR D 249 14.49 -1.10 -15.48
N VAL D 250 13.61 -2.05 -15.75
CA VAL D 250 13.70 -3.37 -15.13
C VAL D 250 14.85 -4.11 -15.75
N MET D 251 15.05 -3.89 -17.05
CA MET D 251 16.15 -4.53 -17.77
C MET D 251 17.43 -3.70 -17.63
N GLY D 252 17.49 -2.89 -16.57
CA GLY D 252 18.62 -2.04 -16.31
C GLY D 252 19.02 -1.16 -17.47
N GLN D 253 18.07 -0.77 -18.31
CA GLN D 253 18.39 0.08 -19.45
C GLN D 253 17.96 1.52 -19.15
PA NAD E . -20.93 -15.62 -7.88
O1A NAD E . -19.99 -16.73 -7.59
O2A NAD E . -22.30 -15.67 -7.29
O5B NAD E . -21.04 -15.48 -9.51
C5B NAD E . -19.87 -15.39 -10.36
C4B NAD E . -19.61 -16.65 -11.17
O4B NAD E . -18.34 -17.31 -10.96
C3B NAD E . -20.69 -17.74 -11.08
O3B NAD E . -21.69 -17.64 -12.09
C2B NAD E . -19.88 -19.02 -11.21
O2B NAD E . -20.56 -19.97 -12.01
C1B NAD E . -18.58 -18.47 -11.76
N9A NAD E . -17.53 -19.49 -11.97
C8A NAD E . -16.94 -20.27 -11.05
N7A NAD E . -16.04 -21.10 -11.61
C5A NAD E . -16.12 -20.80 -12.90
C6A NAD E . -15.36 -21.39 -13.90
N6A NAD E . -14.52 -22.37 -13.61
N1A NAD E . -15.57 -20.94 -15.17
C2A NAD E . -16.47 -19.96 -15.43
N3A NAD E . -17.20 -19.39 -14.45
C4A NAD E . -17.04 -19.80 -13.17
O3 NAD E . -20.23 -14.23 -7.41
PN NAD E . -20.32 -12.69 -7.82
O1N NAD E . -20.98 -11.97 -6.70
O2N NAD E . -20.88 -12.51 -9.17
O5D NAD E . -18.78 -12.25 -7.87
C5D NAD E . -17.82 -13.12 -8.48
C4D NAD E . -16.41 -12.57 -8.39
O4D NAD E . -16.38 -11.40 -7.56
C3D NAD E . -15.50 -13.61 -7.73
O3D NAD E . -14.11 -13.50 -8.11
C2D NAD E . -15.70 -13.26 -6.28
O2D NAD E . -14.65 -13.88 -5.56
C1D NAD E . -15.58 -11.74 -6.42
N1N NAD E . -15.96 -10.99 -5.20
C2N NAD E . -17.29 -10.97 -4.72
C3N NAD E . -17.61 -10.25 -3.57
C7N NAD E . -19.05 -10.20 -3.05
O7N NAD E . -19.34 -9.66 -1.99
N7N NAD E . -19.97 -10.78 -3.84
C4N NAD E . -16.62 -9.57 -2.88
C5N NAD E . -15.30 -9.59 -3.34
C6N NAD E . -14.97 -10.29 -4.50
PA NAD F . 5.19 11.13 24.16
O1A NAD F . 4.22 12.19 23.79
O2A NAD F . 5.09 10.48 25.50
O5B NAD F . 6.74 11.60 23.93
C5B NAD F . 7.21 12.34 22.79
C4B NAD F . 8.04 13.49 23.30
O4B NAD F . 8.01 14.50 22.25
C3B NAD F . 7.49 14.16 24.58
O3B NAD F . 8.30 14.04 25.77
C2B NAD F . 7.24 15.59 24.12
O2B NAD F . 7.39 16.65 25.01
C1B NAD F . 8.21 15.73 22.99
N9A NAD F . 7.94 16.95 22.24
C8A NAD F . 6.73 17.47 21.94
N7A NAD F . 6.85 18.61 21.21
C5A NAD F . 8.17 18.74 21.10
C6A NAD F . 8.77 19.77 20.41
N6A NAD F . 8.05 20.52 19.58
N1A NAD F . 10.13 19.73 20.40
C2A NAD F . 10.84 18.76 20.99
N3A NAD F . 10.25 17.76 21.64
C4A NAD F . 8.89 17.73 21.71
O3 NAD F . 5.05 9.99 23.04
PN NAD F . 5.24 8.42 23.13
O1N NAD F . 4.07 7.89 23.88
O2N NAD F . 6.60 8.16 23.64
O5D NAD F . 5.28 8.02 21.59
C5D NAD F . 6.46 8.32 20.85
C4D NAD F . 6.12 8.42 19.38
O4D NAD F . 5.57 7.16 18.95
C3D NAD F . 5.07 9.49 19.30
O3D NAD F . 5.57 10.72 18.81
C2D NAD F . 4.05 8.90 18.35
O2D NAD F . 3.97 9.68 17.15
C1D NAD F . 4.43 7.45 18.09
N1N NAD F . 3.25 6.69 18.53
C2N NAD F . 2.99 6.63 19.91
C3N NAD F . 1.88 5.99 20.43
C7N NAD F . 1.70 6.01 21.97
O7N NAD F . 1.92 7.02 22.64
N7N NAD F . 1.28 4.88 22.52
C4N NAD F . 1.00 5.36 19.52
C5N NAD F . 1.24 5.41 18.13
C6N NAD F . 2.36 6.07 17.63
PA NAD G . 17.12 -20.11 -5.50
O1A NAD G . 16.17 -19.85 -6.62
O2A NAD G . 18.32 -20.92 -5.78
O5B NAD G . 16.20 -20.73 -4.29
C5B NAD G . 16.68 -21.28 -3.05
C4B NAD G . 16.34 -22.78 -2.95
O4B NAD G . 14.96 -23.18 -3.15
C3B NAD G . 17.18 -23.63 -3.88
O3B NAD G . 17.95 -24.53 -3.12
C2B NAD G . 16.17 -24.47 -4.64
O2B NAD G . 16.77 -25.71 -5.07
C1B NAD G . 15.06 -24.55 -3.58
N9A NAD G . 13.78 -25.25 -4.00
C8A NAD G . 13.17 -25.19 -5.21
N7A NAD G . 12.05 -25.95 -5.24
C5A NAD G . 12.01 -26.46 -4.01
C6A NAD G . 11.01 -27.30 -3.55
N6A NAD G . 9.96 -27.63 -4.33
N1A NAD G . 11.16 -27.71 -2.27
C2A NAD G . 12.18 -27.32 -1.47
N3A NAD G . 13.12 -26.50 -1.94
C4A NAD G . 13.06 -26.05 -3.21
O3 NAD G . 17.69 -18.74 -4.90
PN NAD G . 17.21 -17.55 -3.93
O1N NAD G . 17.15 -16.30 -4.73
O2N NAD G . 18.13 -17.62 -2.76
O5D NAD G . 15.74 -18.02 -3.46
C5D NAD G . 14.53 -17.73 -4.19
C4D NAD G . 13.64 -17.36 -3.02
O4D NAD G . 14.11 -16.14 -2.40
C3D NAD G . 12.17 -17.16 -3.36
O3D NAD G . 11.38 -17.73 -2.32
C2D NAD G . 12.01 -15.65 -3.38
O2D NAD G . 10.96 -15.15 -2.57
C1D NAD G . 13.25 -15.03 -2.81
N1N NAD G . 13.65 -13.95 -3.76
C2N NAD G . 14.18 -14.28 -5.03
C3N NAD G . 14.52 -13.28 -5.95
C7N NAD G . 15.07 -13.72 -7.31
O7N NAD G . 15.70 -14.77 -7.41
N7N NAD G . 14.80 -12.92 -8.33
C4N NAD G . 14.34 -11.94 -5.59
C5N NAD G . 13.83 -11.59 -4.33
C6N NAD G . 13.48 -12.59 -3.41
PA NAD H . -2.20 24.66 -11.58
O1A NAD H . -1.06 24.92 -10.66
O2A NAD H . -2.24 25.41 -12.87
O5B NAD H . -3.56 24.92 -10.75
C5B NAD H . -3.61 24.88 -9.32
C4B NAD H . -4.50 26.03 -8.90
O4B NAD H . -4.37 26.24 -7.48
C3B NAD H . -4.14 27.38 -9.54
O3B NAD H . -5.23 27.97 -10.28
C2B NAD H . -3.65 28.22 -8.35
O2B NAD H . -3.60 29.65 -8.49
C1B NAD H . -4.60 27.67 -7.33
N9A NAD H . -4.31 28.06 -5.95
C8A NAD H . -3.10 28.14 -5.38
N7A NAD H . -3.17 28.52 -4.09
C5A NAD H . -4.49 28.67 -3.94
C6A NAD H . -5.07 29.06 -2.75
N6A NAD H . -4.30 29.58 -1.79
N1A NAD H . -6.43 29.14 -2.77
C2A NAD H . -7.15 28.90 -3.88
N3A NAD H . -6.58 28.54 -5.03
C4A NAD H . -5.23 28.40 -5.07
O3 NAD H . -2.22 23.05 -11.87
PN NAD H . -3.23 21.88 -12.38
O1N NAD H . -2.71 21.16 -13.56
O2N NAD H . -4.62 22.40 -12.45
O5D NAD H . -3.27 20.86 -11.14
C5D NAD H . -4.29 20.91 -10.13
C4D NAD H . -3.96 19.94 -9.00
O4D NAD H . -3.38 18.73 -9.53
C3D NAD H . -2.97 20.53 -8.01
O3D NAD H . -3.28 20.21 -6.65
C2D NAD H . -1.61 19.99 -8.46
O2D NAD H . -0.81 19.82 -7.29
C1D NAD H . -1.95 18.67 -9.18
N1N NAD H . -1.11 18.35 -10.38
C2N NAD H . -0.69 19.34 -11.29
C3N NAD H . 0.09 19.03 -12.42
C7N NAD H . 0.53 20.15 -13.39
O7N NAD H . -0.06 21.23 -13.46
N7N NAD H . 1.63 19.91 -14.12
C4N NAD H . 0.44 17.69 -12.62
C5N NAD H . 0.04 16.70 -11.73
C6N NAD H . -0.73 17.01 -10.61
#